data_5YLU
#
_entry.id   5YLU
#
_cell.length_a   104.820
_cell.length_b   104.820
_cell.length_c   367.080
_cell.angle_alpha   90.000
_cell.angle_beta   90.000
_cell.angle_gamma   120.000
#
_symmetry.space_group_name_H-M   'P 31 2 1'
#
loop_
_entity.id
_entity.type
_entity.pdbx_description
1 polymer 'Potassium-transporting ATPase alpha chain 1'
2 polymer 'Potassium-transporting ATPase subunit beta'
3 non-polymer 1-[5-(2-fluorophenyl)-1-pyridin-3-ylsulfonyl-pyrrol-3-yl]-~{N}-methyl-methanamine
4 non-polymer 1,2-DIOLEOYL-SN-GLYCERO-3-PHOSPHOCHOLINE
5 non-polymer 'MAGNESIUM ION'
6 non-polymer 'O-DODECANYL OCTAETHYLENE GLYCOL'
7 non-polymer 2-acetamido-2-deoxy-beta-D-glucopyranose
8 water water
#
loop_
_entity_poly.entity_id
_entity_poly.type
_entity_poly.pdbx_seq_one_letter_code
_entity_poly.pdbx_strand_id
1 'polypeptide(L)'
;MGKAENYELYQVELGPGPSGDMAAKMSKKKAGRGGGKRKEKLENMKKEMEINDHQLSVAELEQKYQTSATKGLSASLAAE
LLLRDGPNALRPPRGTPEYVKFARQLAGGLQCLMWVAAAICLIAFAIQASEGDLTTDDNLYLALALIAVVVVTGCFGYYQ
EFKSTNIIASFKNLVPQQATVIRDGDKFQINADQLVVGDLVEMKGGDRVPADIRILQAQGCKVDNSSLTGESEPQTRSPE
CTHESPLETRNIAFFSTMCLEGTAQGLVVNTGDRTIIGRIASLASGVENEKTPIAIEIEHFVDIIAGLAILFGATFFIVA
MCIGYTFLRAMVFFMAIVVAYVPEGLLATVTVCLSLTAKRLASKNCVVKNLEAVETLGSTSVICS(BFD)KTGTLTQNRM
TVSHLWFDNHIHSADTTEDQSGQTFDQSSETWRALCRVLTLCNRAAFKSGQDAVPVPKRIVIGDASETALLKFSELTLGN
AMGYRERFPKVCEIPFNSTNKFQLSIHTLEDPRDPRHVLVMKGAPERVLERCSSILIKGQELPLDEQWREAFQTAYLSLG
GLGERVLGFCQLYLSEKDYPPGYAFDVEAMNFPTSGLCFAGLVSMIDPPRATVPDAVLKCRTAGIRVIMVTGDHPITAKA
IAASVGIISEGSETVEDIAARLRVPVDQVNRKDARACVINGMQLKDMDPSELVEALRTHPEMVFARTSPQQKLVIVESCQ
RLGAIVAVTGDGVNDSPALKKADIGVAMGIAGSDAAKNAADMILLDDNFASIVTGVEQGRLIFDNLKKSIAYTLTKNIPE
LTPYLIYITVSVPLPLGCITILFIELCTDIFPSVSLAYEKAESDIMHLRPRNPKRDRLVNEPLAAYSYFQIGAIQSFAGF
TDYFTAMAQEGWFPLLCVGLRPQWENHHLQDLQDSYGQEWTFGQRLYQQYTCYTVFFISIEMCQIADVLIRKTRRLSAFQ
QGFFRNRILVIAIVFQVCIGCFLCYCPGMPNIFNFMPIRFQWWLVPMPFSLLIFVYDEIRKLGVRCCPGSWWDQELYY
;
A
2 'polypeptide(L)'
;AALQEKKSCSQRMEEFQRYCWNPDTGQMLGRTLSRWVWISLYYVAFYVVMSGIFALCIYVLMRTIDPYTPDYQDQLKSPG
VTLRPDVYGEKGLDISYNVSDSTTWAGLAHTLHRFLAGYSPAAQEGSINCTSEKYFFQESFLAPNHTKFSCKFTADMLQN
CSGRPDPTFGFAEGKPCFIIKMNRIVKFLPGNSTAPRVDCAFLDQPRDGPPLQVEYFPANGTYSLHYFPYYGKKAQPHYS
NPLVAAKLLNVPRNRDVVIVCKILAEHVSFDNPHDPYEGKVEFKLKIQK
;
B
#
# COMPACT_ATOMS: atom_id res chain seq x y z
N MET A 49 11.45 42.00 8.80
CA MET A 49 11.19 42.87 9.96
C MET A 49 12.18 42.57 11.07
N GLU A 50 12.82 41.42 10.98
CA GLU A 50 13.80 40.98 11.95
C GLU A 50 15.08 41.77 11.91
N ILE A 51 15.39 42.37 10.76
CA ILE A 51 16.64 43.04 10.45
C ILE A 51 17.10 44.17 11.35
N ASN A 52 16.19 44.78 12.06
CA ASN A 52 16.51 45.86 12.91
C ASN A 52 17.56 45.52 13.94
N ASP A 53 17.49 44.38 14.58
CA ASP A 53 18.40 44.16 15.69
C ASP A 53 19.90 44.14 15.55
N HIS A 54 20.44 43.53 14.52
CA HIS A 54 21.86 43.49 14.43
C HIS A 54 22.53 44.74 13.90
N GLN A 55 21.74 45.75 13.58
CA GLN A 55 22.30 47.00 13.10
C GLN A 55 22.16 48.14 14.10
N LEU A 56 21.68 47.85 15.30
CA LEU A 56 21.46 48.89 16.29
C LEU A 56 22.71 49.14 17.13
N SER A 57 22.76 50.33 17.72
CA SER A 57 23.74 50.63 18.75
C SER A 57 23.30 50.02 20.07
N VAL A 58 24.29 49.73 20.91
CA VAL A 58 23.99 49.10 22.19
C VAL A 58 23.05 49.96 23.01
N ALA A 59 23.16 51.29 22.86
CA ALA A 59 22.15 52.19 23.41
C ALA A 59 20.77 51.88 22.82
N GLU A 60 20.70 51.71 21.49
CA GLU A 60 19.42 51.47 20.83
C GLU A 60 18.81 50.13 21.27
N LEU A 61 19.64 49.08 21.38
CA LEU A 61 19.16 47.79 21.84
C LEU A 61 18.66 47.86 23.27
N GLU A 62 19.39 48.57 24.13
CA GLU A 62 18.92 48.72 25.51
C GLU A 62 17.60 49.49 25.54
N GLN A 63 17.44 50.48 24.65
CA GLN A 63 16.17 51.19 24.58
C GLN A 63 15.05 50.26 24.14
N LYS A 64 15.24 49.59 23.00
CA LYS A 64 14.20 48.77 22.41
C LYS A 64 13.62 47.79 23.42
N TYR A 65 14.49 47.08 24.15
CA TYR A 65 14.06 45.98 24.99
C TYR A 65 14.06 46.27 26.48
N GLN A 66 14.26 47.54 26.88
CA GLN A 66 14.26 47.92 28.29
C GLN A 66 15.16 46.98 29.10
N THR A 67 16.44 46.94 28.69
CA THR A 67 17.42 46.01 29.24
C THR A 67 18.78 46.71 29.38
N SER A 68 19.71 46.03 30.06
CA SER A 68 21.10 46.45 30.11
C SER A 68 21.94 45.49 29.27
N ALA A 69 22.97 46.04 28.64
CA ALA A 69 23.80 45.20 27.79
C ALA A 69 24.83 44.40 28.57
N THR A 70 24.93 44.60 29.90
CA THR A 70 25.91 43.95 30.77
C THR A 70 25.28 43.39 32.04
N LYS A 71 24.32 44.09 32.63
CA LYS A 71 23.65 43.60 33.83
C LYS A 71 22.35 42.88 33.51
N GLY A 72 21.83 43.02 32.27
CA GLY A 72 20.73 42.22 31.78
C GLY A 72 19.34 42.69 32.20
N LEU A 73 18.37 41.83 31.92
CA LEU A 73 16.97 42.08 32.21
C LEU A 73 16.69 42.05 33.71
N SER A 74 15.75 42.89 34.14
CA SER A 74 15.23 42.77 35.49
C SER A 74 14.51 41.43 35.64
N ALA A 75 14.34 40.99 36.89
CA ALA A 75 13.71 39.70 37.12
C ALA A 75 12.20 39.75 36.86
N SER A 76 11.52 40.71 37.49
CA SER A 76 10.10 40.86 37.27
C SER A 76 9.80 41.14 35.80
N LEU A 77 10.62 41.99 35.17
CA LEU A 77 10.35 42.32 33.77
C LEU A 77 10.44 41.10 32.86
N ALA A 78 11.33 40.15 33.17
CA ALA A 78 11.38 38.93 32.38
C ALA A 78 10.26 37.97 32.74
N ALA A 79 9.74 38.04 33.97
CA ALA A 79 8.53 37.29 34.30
C ALA A 79 7.33 37.77 33.48
N GLU A 80 7.17 39.11 33.39
CA GLU A 80 6.11 39.69 32.59
C GLU A 80 6.30 39.42 31.10
N LEU A 81 7.52 39.56 30.60
CA LEU A 81 7.74 39.29 29.18
C LEU A 81 7.43 37.83 28.85
N LEU A 82 7.61 36.92 29.82
CA LEU A 82 7.23 35.54 29.56
C LEU A 82 5.72 35.39 29.46
N LEU A 83 4.98 36.07 30.37
CA LEU A 83 3.52 36.05 30.24
C LEU A 83 3.07 36.60 28.88
N ARG A 84 3.78 37.60 28.36
CA ARG A 84 3.41 38.22 27.09
C ARG A 84 3.60 37.27 25.91
N ASP A 85 4.82 36.74 25.72
CA ASP A 85 5.14 36.05 24.45
C ASP A 85 5.09 34.53 24.53
N GLY A 86 4.78 33.96 25.70
CA GLY A 86 4.78 32.52 25.86
C GLY A 86 6.17 31.93 25.99
N PRO A 87 6.27 30.60 26.10
CA PRO A 87 7.58 29.96 26.21
C PRO A 87 8.43 30.19 24.97
N ASN A 88 9.74 30.07 25.15
CA ASN A 88 10.70 30.11 24.04
C ASN A 88 10.88 28.70 23.46
N ALA A 89 9.90 28.28 22.66
CA ALA A 89 10.11 27.14 21.78
C ALA A 89 9.18 27.27 20.57
N LEU A 90 9.37 26.37 19.62
CA LEU A 90 8.52 26.33 18.44
C LEU A 90 7.21 25.63 18.76
N ARG A 91 6.08 26.33 18.55
CA ARG A 91 4.77 25.72 18.78
C ARG A 91 4.59 24.58 17.78
N PRO A 92 4.27 23.37 18.24
CA PRO A 92 4.29 22.21 17.34
C PRO A 92 3.23 22.35 16.27
N PRO A 93 3.28 21.53 15.22
CA PRO A 93 2.20 21.53 14.23
C PRO A 93 0.83 21.40 14.92
N ARG A 94 -0.11 22.22 14.45
CA ARG A 94 -1.46 22.41 15.02
C ARG A 94 -2.09 21.18 15.65
N GLY A 95 -1.93 20.01 15.02
CA GLY A 95 -2.29 18.75 15.63
C GLY A 95 -3.73 18.33 15.46
N THR A 96 -4.00 17.57 14.40
CA THR A 96 -5.37 17.25 14.01
C THR A 96 -5.98 16.18 14.93
N PRO A 97 -7.30 16.23 15.14
CA PRO A 97 -7.93 15.32 16.10
C PRO A 97 -7.80 13.86 15.68
N GLU A 98 -7.97 12.97 16.67
CA GLU A 98 -7.85 11.54 16.42
C GLU A 98 -8.95 11.04 15.47
N TYR A 99 -10.20 11.41 15.75
CA TYR A 99 -11.31 10.97 14.92
C TYR A 99 -11.17 11.43 13.47
N VAL A 100 -10.56 12.60 13.25
CA VAL A 100 -10.40 13.02 11.85
C VAL A 100 -9.23 12.29 11.23
N LYS A 101 -8.20 11.96 12.01
CA LYS A 101 -7.14 11.16 11.41
C LYS A 101 -7.64 9.80 11.00
N PHE A 102 -8.70 9.29 11.67
CA PHE A 102 -9.39 8.10 11.16
C PHE A 102 -10.20 8.43 9.91
N ALA A 103 -11.01 9.50 9.97
CA ALA A 103 -11.83 9.90 8.83
C ALA A 103 -11.04 9.94 7.53
N ARG A 104 -9.82 10.48 7.54
CA ARG A 104 -9.10 10.66 6.28
C ARG A 104 -8.63 9.36 5.65
N GLN A 105 -8.57 8.26 6.42
CA GLN A 105 -8.24 6.97 5.81
C GLN A 105 -9.37 6.45 4.92
N LEU A 106 -10.62 6.80 5.22
CA LEU A 106 -11.73 6.33 4.41
C LEU A 106 -11.80 7.07 3.05
N ALA A 107 -10.89 8.01 2.78
CA ALA A 107 -10.89 8.74 1.52
C ALA A 107 -9.74 8.27 0.65
N GLY A 108 -9.94 8.35 -0.66
CA GLY A 108 -8.98 7.85 -1.63
C GLY A 108 -9.70 7.36 -2.86
N GLY A 109 -8.92 7.11 -3.92
CA GLY A 109 -9.44 6.81 -5.24
C GLY A 109 -10.31 5.58 -5.33
N LEU A 110 -9.73 4.43 -4.98
CA LEU A 110 -10.51 3.22 -4.79
C LEU A 110 -11.63 3.44 -3.78
N GLN A 111 -11.32 4.03 -2.62
CA GLN A 111 -12.34 4.21 -1.60
C GLN A 111 -13.53 4.99 -2.13
N CYS A 112 -13.28 6.16 -2.73
CA CYS A 112 -14.44 6.88 -3.25
C CYS A 112 -15.14 6.07 -4.32
N LEU A 113 -14.41 5.39 -5.20
CA LEU A 113 -15.12 4.51 -6.13
C LEU A 113 -16.04 3.54 -5.39
N MET A 114 -15.63 3.06 -4.23
CA MET A 114 -16.48 2.12 -3.49
C MET A 114 -17.63 2.83 -2.79
N TRP A 115 -17.44 4.07 -2.33
CA TRP A 115 -18.55 4.78 -1.72
C TRP A 115 -19.61 5.13 -2.75
N VAL A 116 -19.19 5.64 -3.92
CA VAL A 116 -20.13 5.77 -5.04
C VAL A 116 -20.81 4.44 -5.34
N ALA A 117 -20.04 3.34 -5.31
CA ALA A 117 -20.65 2.04 -5.54
C ALA A 117 -21.79 1.79 -4.56
N ALA A 118 -21.51 1.86 -3.24
CA ALA A 118 -22.55 1.62 -2.24
C ALA A 118 -23.68 2.64 -2.30
N ALA A 119 -23.37 3.89 -2.66
CA ALA A 119 -24.40 4.88 -3.00
C ALA A 119 -25.36 4.33 -4.04
N ILE A 120 -24.81 3.93 -5.18
CA ILE A 120 -25.63 3.35 -6.25
C ILE A 120 -26.41 2.15 -5.73
N CYS A 121 -25.77 1.31 -4.90
CA CYS A 121 -26.44 0.12 -4.39
C CYS A 121 -27.64 0.49 -3.53
N LEU A 122 -27.53 1.51 -2.68
CA LEU A 122 -28.68 1.86 -1.85
C LEU A 122 -29.76 2.57 -2.65
N ILE A 123 -29.40 3.39 -3.64
CA ILE A 123 -30.44 3.95 -4.52
C ILE A 123 -31.23 2.82 -5.19
N ALA A 124 -30.52 1.79 -5.69
CA ALA A 124 -31.19 0.69 -6.37
C ALA A 124 -32.04 -0.13 -5.39
N PHE A 125 -31.51 -0.42 -4.21
CA PHE A 125 -32.25 -1.22 -3.24
C PHE A 125 -33.54 -0.53 -2.83
N ALA A 126 -33.50 0.80 -2.69
CA ALA A 126 -34.74 1.51 -2.42
C ALA A 126 -35.71 1.37 -3.58
N ILE A 127 -35.24 1.62 -4.82
CA ILE A 127 -36.11 1.39 -5.98
C ILE A 127 -36.77 0.01 -5.90
N GLN A 128 -36.05 -0.99 -5.38
CA GLN A 128 -36.52 -2.38 -5.46
C GLN A 128 -37.44 -2.81 -4.33
N ALA A 129 -37.32 -2.23 -3.13
CA ALA A 129 -38.38 -2.39 -2.14
C ALA A 129 -39.60 -1.51 -2.43
N SER A 130 -39.48 -0.54 -3.37
CA SER A 130 -40.67 0.10 -3.95
C SER A 130 -41.32 -0.71 -5.06
N GLU A 131 -40.52 -1.46 -5.84
CA GLU A 131 -41.03 -2.19 -7.00
C GLU A 131 -41.47 -3.61 -6.63
N GLY A 132 -42.70 -3.71 -6.13
CA GLY A 132 -43.23 -4.99 -5.69
C GLY A 132 -42.54 -5.55 -4.46
N ASP A 133 -43.03 -6.72 -4.07
CA ASP A 133 -42.52 -7.46 -2.92
C ASP A 133 -41.31 -8.26 -3.38
N LEU A 134 -40.13 -7.65 -3.26
CA LEU A 134 -38.85 -8.32 -3.41
C LEU A 134 -38.13 -8.26 -2.06
N THR A 135 -37.87 -9.43 -1.46
CA THR A 135 -37.00 -9.56 -0.30
C THR A 135 -35.63 -10.05 -0.71
N THR A 136 -35.28 -9.87 -1.98
CA THR A 136 -33.96 -10.24 -2.49
C THR A 136 -32.85 -9.49 -1.77
N ASP A 137 -32.95 -8.15 -1.69
CA ASP A 137 -31.95 -7.24 -1.11
C ASP A 137 -30.50 -7.73 -1.23
N ASP A 138 -30.06 -7.97 -2.47
CA ASP A 138 -28.64 -8.19 -2.68
C ASP A 138 -27.85 -6.89 -2.49
N ASN A 139 -28.43 -5.76 -2.91
CA ASN A 139 -27.68 -4.51 -2.88
C ASN A 139 -27.43 -4.06 -1.43
N LEU A 140 -28.29 -4.46 -0.50
CA LEU A 140 -28.00 -4.27 0.92
C LEU A 140 -26.69 -4.95 1.30
N TYR A 141 -26.58 -6.25 0.96
CA TYR A 141 -25.38 -7.03 1.23
C TYR A 141 -24.14 -6.41 0.62
N LEU A 142 -24.18 -6.13 -0.70
CA LEU A 142 -23.02 -5.62 -1.41
C LEU A 142 -22.60 -4.25 -0.88
N ALA A 143 -23.55 -3.31 -0.80
CA ALA A 143 -23.22 -1.96 -0.30
C ALA A 143 -22.62 -2.04 1.10
N LEU A 144 -23.28 -2.76 2.00
CA LEU A 144 -22.73 -2.86 3.34
C LEU A 144 -21.38 -3.55 3.34
N ALA A 145 -21.12 -4.47 2.39
CA ALA A 145 -19.80 -5.09 2.32
C ALA A 145 -18.74 -4.09 1.86
N LEU A 146 -19.07 -3.28 0.86
CA LEU A 146 -18.15 -2.24 0.42
C LEU A 146 -17.78 -1.32 1.56
N ILE A 147 -18.79 -0.71 2.21
CA ILE A 147 -18.52 0.09 3.42
C ILE A 147 -17.61 -0.69 4.38
N ALA A 148 -17.85 -2.01 4.51
CA ALA A 148 -17.06 -2.82 5.44
C ALA A 148 -15.57 -2.86 5.07
N VAL A 149 -15.22 -3.17 3.81
CA VAL A 149 -13.77 -3.22 3.53
C VAL A 149 -13.16 -1.82 3.63
N VAL A 150 -13.85 -0.81 3.10
CA VAL A 150 -13.36 0.56 3.19
C VAL A 150 -13.04 0.91 4.64
N VAL A 151 -13.96 0.57 5.54
CA VAL A 151 -13.79 0.92 6.95
C VAL A 151 -12.67 0.08 7.58
N VAL A 152 -12.74 -1.24 7.46
CA VAL A 152 -11.74 -2.07 8.12
C VAL A 152 -10.35 -1.70 7.64
N THR A 153 -10.16 -1.61 6.32
CA THR A 153 -8.91 -1.03 5.81
C THR A 153 -8.58 0.26 6.54
N GLY A 154 -9.55 1.18 6.62
CA GLY A 154 -9.35 2.43 7.34
C GLY A 154 -8.72 2.24 8.71
N CYS A 155 -9.31 1.37 9.54
CA CYS A 155 -8.69 1.03 10.82
C CYS A 155 -7.25 0.59 10.64
N PHE A 156 -6.99 -0.25 9.64
CA PHE A 156 -5.64 -0.78 9.47
C PHE A 156 -4.65 0.32 9.10
N GLY A 157 -5.04 1.23 8.22
CA GLY A 157 -4.16 2.35 7.90
C GLY A 157 -3.93 3.25 9.10
N TYR A 158 -5.01 3.61 9.80
CA TYR A 158 -4.86 4.44 11.00
C TYR A 158 -3.91 3.80 12.00
N TYR A 159 -4.08 2.50 12.25
CA TYR A 159 -3.23 1.83 13.25
C TYR A 159 -1.79 1.75 12.77
N GLN A 160 -1.56 1.52 11.47
CA GLN A 160 -0.19 1.54 10.98
C GLN A 160 0.45 2.92 11.21
N GLU A 161 -0.27 3.99 10.87
CA GLU A 161 0.34 5.31 11.02
C GLU A 161 0.56 5.64 12.50
N PHE A 162 -0.36 5.25 13.37
CA PHE A 162 -0.11 5.31 14.79
C PHE A 162 1.21 4.66 15.15
N LYS A 163 1.31 3.33 14.98
CA LYS A 163 2.50 2.62 15.43
C LYS A 163 3.77 3.19 14.81
N SER A 164 3.69 3.70 13.57
CA SER A 164 4.89 4.23 12.95
C SER A 164 5.29 5.55 13.59
N THR A 165 4.34 6.43 13.89
CA THR A 165 4.76 7.68 14.53
C THR A 165 5.07 7.51 16.02
N ASN A 166 4.63 6.42 16.65
CA ASN A 166 5.20 6.11 17.96
C ASN A 166 6.63 5.63 17.84
N ILE A 167 6.94 4.84 16.80
CA ILE A 167 8.31 4.36 16.60
C ILE A 167 9.25 5.52 16.33
N ILE A 168 8.80 6.50 15.53
CA ILE A 168 9.61 7.69 15.29
C ILE A 168 9.69 8.55 16.55
N ALA A 169 8.55 8.79 17.21
CA ALA A 169 8.54 9.69 18.36
C ALA A 169 9.39 9.15 19.50
N SER A 170 9.51 7.83 19.60
CA SER A 170 10.15 7.21 20.75
C SER A 170 11.67 7.16 20.63
N PHE A 171 12.24 7.61 19.51
CA PHE A 171 13.67 7.82 19.42
C PHE A 171 14.06 9.28 19.56
N LYS A 172 13.07 10.17 19.61
CA LYS A 172 13.28 11.60 19.86
C LYS A 172 13.58 11.81 21.33
N ASN A 173 14.82 12.16 21.66
CA ASN A 173 15.31 12.24 23.04
C ASN A 173 15.03 13.64 23.59
N LEU A 174 13.76 13.86 23.94
CA LEU A 174 13.35 15.16 24.49
C LEU A 174 13.87 15.33 25.91
N VAL A 175 14.97 16.06 26.03
CA VAL A 175 15.63 16.39 27.29
C VAL A 175 15.70 17.91 27.35
N PRO A 176 15.27 18.56 28.43
CA PRO A 176 15.10 20.02 28.38
C PRO A 176 16.44 20.74 28.27
N GLN A 177 16.56 21.62 27.28
CA GLN A 177 17.78 22.37 27.04
C GLN A 177 17.88 23.55 27.98
N GLN A 178 19.10 23.99 28.24
CA GLN A 178 19.31 25.07 29.20
C GLN A 178 20.10 26.21 28.60
N ALA A 179 20.22 27.27 29.38
CA ALA A 179 20.84 28.51 28.94
C ALA A 179 21.39 29.27 30.14
N THR A 180 22.60 29.82 30.00
CA THR A 180 23.20 30.74 30.95
C THR A 180 22.65 32.15 30.73
N VAL A 181 21.71 32.55 31.55
CA VAL A 181 21.14 33.88 31.53
C VAL A 181 21.77 34.73 32.64
N ILE A 182 21.82 36.05 32.42
CA ILE A 182 22.25 37.02 33.43
C ILE A 182 21.09 37.96 33.68
N ARG A 183 20.64 38.05 34.93
CA ARG A 183 19.50 38.89 35.30
C ARG A 183 19.79 39.58 36.62
N ASP A 184 19.44 40.87 36.70
CA ASP A 184 19.83 41.70 37.84
C ASP A 184 21.34 41.65 38.07
N GLY A 185 22.11 41.36 37.01
CA GLY A 185 23.55 41.24 37.11
C GLY A 185 24.07 39.93 37.64
N ASP A 186 23.27 38.86 37.58
CA ASP A 186 23.63 37.52 38.09
C ASP A 186 23.68 36.53 36.94
N LYS A 187 24.75 35.75 36.88
CA LYS A 187 24.87 34.65 35.91
C LYS A 187 24.34 33.39 36.56
N PHE A 188 23.29 32.79 35.98
CA PHE A 188 22.77 31.50 36.45
C PHE A 188 22.10 30.77 35.28
N GLN A 189 21.69 29.53 35.54
CA GLN A 189 21.16 28.66 34.50
C GLN A 189 19.64 28.57 34.58
N ILE A 190 18.96 28.83 33.46
CA ILE A 190 17.52 28.59 33.37
C ILE A 190 17.24 27.73 32.15
N ASN A 191 16.06 27.10 32.15
CA ASN A 191 15.60 26.36 30.99
C ASN A 191 15.55 27.28 29.78
N ALA A 192 15.95 26.75 28.62
CA ALA A 192 15.97 27.58 27.41
C ALA A 192 14.58 28.16 27.12
N ASP A 193 13.52 27.37 27.34
CA ASP A 193 12.16 27.79 27.05
C ASP A 193 11.66 28.94 27.93
N GLN A 194 12.39 29.34 28.98
CA GLN A 194 12.00 30.49 29.79
C GLN A 194 12.71 31.79 29.38
N LEU A 195 13.50 31.75 28.31
CA LEU A 195 14.13 32.97 27.81
C LEU A 195 13.10 33.85 27.14
N VAL A 196 12.98 35.07 27.61
CA VAL A 196 12.14 36.05 26.98
C VAL A 196 13.03 36.94 26.14
N VAL A 197 12.41 37.67 25.22
CA VAL A 197 13.16 38.59 24.36
C VAL A 197 13.76 39.69 25.22
N GLY A 198 15.02 40.05 24.92
CA GLY A 198 15.76 41.06 25.66
C GLY A 198 16.69 40.51 26.74
N ASP A 199 16.67 39.22 27.01
CA ASP A 199 17.52 38.67 28.05
C ASP A 199 18.98 38.71 27.63
N LEU A 200 19.86 38.86 28.62
CA LEU A 200 21.30 38.80 28.40
C LEU A 200 21.74 37.35 28.59
N VAL A 201 22.33 36.73 27.56
CA VAL A 201 22.78 35.36 27.72
C VAL A 201 24.26 35.23 27.36
N GLU A 202 24.84 34.12 27.84
CA GLU A 202 26.24 33.76 27.66
C GLU A 202 26.31 32.38 26.99
N MET A 203 27.29 32.21 26.12
CA MET A 203 27.56 30.92 25.52
C MET A 203 29.05 30.66 25.57
N LYS A 204 29.38 29.38 25.70
CA LYS A 204 30.75 28.91 25.63
C LYS A 204 30.71 27.63 24.83
N GLY A 205 31.89 27.13 24.48
CA GLY A 205 32.02 25.86 23.78
C GLY A 205 31.21 24.80 24.48
N GLY A 206 30.45 24.02 23.71
CA GLY A 206 29.61 22.97 24.24
C GLY A 206 28.14 23.37 24.31
N ASP A 207 27.88 24.53 24.90
CA ASP A 207 26.53 25.04 25.01
C ASP A 207 25.77 24.97 23.66
N ARG A 208 24.45 24.75 23.75
CA ARG A 208 23.53 24.92 22.63
C ARG A 208 23.01 26.35 22.64
N VAL A 209 23.01 27.00 21.47
CA VAL A 209 22.60 28.40 21.41
C VAL A 209 21.12 28.44 21.76
N PRO A 210 20.72 29.13 22.81
CA PRO A 210 19.36 28.94 23.34
C PRO A 210 18.23 29.66 22.63
N ALA A 211 18.49 30.86 22.12
CA ALA A 211 17.47 31.68 21.47
C ALA A 211 18.10 32.21 20.20
N ASP A 212 17.50 33.25 19.62
CA ASP A 212 18.19 34.02 18.61
C ASP A 212 18.92 35.17 19.32
N ILE A 213 20.25 35.18 19.24
CA ILE A 213 21.11 36.00 20.09
C ILE A 213 21.89 36.96 19.21
N ARG A 214 21.80 38.26 19.53
CA ARG A 214 22.64 39.28 18.89
C ARG A 214 23.80 39.62 19.81
N ILE A 215 25.01 39.53 19.29
CA ILE A 215 26.20 39.36 20.11
C ILE A 215 26.79 40.72 20.51
N LEU A 216 26.87 40.99 21.81
CA LEU A 216 27.55 42.19 22.26
C LEU A 216 29.06 42.03 22.42
N GLN A 217 29.56 40.84 22.75
CA GLN A 217 31.01 40.72 22.85
C GLN A 217 31.41 39.26 22.80
N ALA A 218 32.55 38.98 22.16
CA ALA A 218 32.90 37.61 21.84
C ALA A 218 34.41 37.45 21.74
N GLN A 219 34.94 36.40 22.38
CA GLN A 219 36.34 36.01 22.34
C GLN A 219 36.45 34.69 21.57
N GLY A 220 36.87 34.80 20.31
CA GLY A 220 37.23 33.63 19.52
C GLY A 220 36.11 32.63 19.40
N CYS A 221 34.89 33.12 19.16
CA CYS A 221 33.67 32.33 19.30
C CYS A 221 33.21 31.81 17.94
N LYS A 222 33.36 30.50 17.71
CA LYS A 222 32.97 29.89 16.45
C LYS A 222 31.79 28.95 16.71
N VAL A 223 31.02 28.64 15.66
CA VAL A 223 29.68 28.11 15.83
C VAL A 223 29.35 27.20 14.65
N ASP A 224 28.32 26.35 14.84
CA ASP A 224 27.95 25.30 13.89
C ASP A 224 26.54 25.56 13.33
N ASN A 225 26.47 26.20 12.15
CA ASN A 225 25.20 26.62 11.58
C ASN A 225 24.64 25.63 10.58
N SER A 226 25.13 24.39 10.56
CA SER A 226 24.79 23.47 9.49
C SER A 226 23.30 23.13 9.43
N SER A 227 22.57 23.27 10.54
CA SER A 227 21.12 23.04 10.54
C SER A 227 20.35 24.16 9.83
N LEU A 228 20.96 25.34 9.68
CA LEU A 228 20.38 26.56 9.11
C LEU A 228 20.93 26.87 7.73
N THR A 229 22.25 26.93 7.62
CA THR A 229 22.99 27.07 6.38
C THR A 229 23.50 25.71 5.94
N GLY A 230 24.35 25.69 4.93
CA GLY A 230 24.89 24.39 4.60
C GLY A 230 26.16 24.06 5.34
N GLU A 231 26.78 25.13 5.83
CA GLU A 231 28.22 25.18 6.03
C GLU A 231 28.70 24.15 7.03
N SER A 232 29.66 23.32 6.60
CA SER A 232 30.11 22.20 7.40
C SER A 232 31.18 22.57 8.42
N GLU A 233 32.03 23.67 8.13
CA GLU A 233 33.09 24.29 8.95
C GLU A 233 32.54 25.29 9.97
N PRO A 234 33.25 25.51 11.08
CA PRO A 234 32.74 26.42 12.11
C PRO A 234 32.72 27.85 11.61
N GLN A 235 31.64 28.56 11.97
CA GLN A 235 31.43 29.93 11.51
C GLN A 235 31.77 30.93 12.62
N THR A 236 32.70 31.83 12.34
CA THR A 236 33.04 32.87 13.30
C THR A 236 31.81 33.69 13.71
N ARG A 237 31.73 34.03 15.00
CA ARG A 237 30.74 34.99 15.51
C ARG A 237 31.49 36.08 16.27
N SER A 238 31.38 37.31 15.80
CA SER A 238 31.97 38.52 16.36
C SER A 238 30.87 39.56 16.46
N PRO A 239 31.01 40.55 17.34
CA PRO A 239 29.90 41.50 17.57
C PRO A 239 29.66 42.54 16.47
N GLU A 240 30.53 42.64 15.48
CA GLU A 240 30.40 43.72 14.52
C GLU A 240 29.46 43.29 13.40
N CYS A 241 28.49 44.17 13.08
CA CYS A 241 27.58 43.93 11.97
C CYS A 241 28.30 43.76 10.65
N THR A 242 28.24 42.58 10.05
CA THR A 242 28.95 42.30 8.81
C THR A 242 28.03 42.21 7.60
N HIS A 243 26.72 42.22 7.83
CA HIS A 243 25.72 42.15 6.77
C HIS A 243 24.42 42.72 7.30
N GLU A 244 23.57 43.18 6.37
CA GLU A 244 22.23 43.60 6.74
C GLU A 244 21.24 42.44 6.71
N SER A 245 21.48 41.44 5.87
CA SER A 245 20.70 40.21 5.94
C SER A 245 21.08 39.46 7.20
N PRO A 246 20.17 39.30 8.16
CA PRO A 246 20.55 38.67 9.43
C PRO A 246 20.97 37.22 9.30
N LEU A 247 20.68 36.55 8.17
CA LEU A 247 21.23 35.21 8.01
C LEU A 247 22.74 35.29 7.83
N GLU A 248 23.24 36.25 7.05
CA GLU A 248 24.65 36.29 6.68
C GLU A 248 25.51 37.21 7.54
N THR A 249 24.96 37.79 8.61
CA THR A 249 25.79 38.56 9.52
C THR A 249 26.53 37.64 10.47
N ARG A 250 27.54 38.21 11.14
CA ARG A 250 28.28 37.48 12.17
C ARG A 250 27.88 37.88 13.58
N ASN A 251 27.02 38.89 13.76
CA ASN A 251 26.68 39.29 15.11
C ASN A 251 25.33 38.75 15.57
N ILE A 252 24.82 37.71 14.91
CA ILE A 252 23.67 36.94 15.43
C ILE A 252 24.07 35.47 15.53
N ALA A 253 23.66 34.83 16.61
CA ALA A 253 23.77 33.39 16.75
C ALA A 253 22.35 32.82 16.77
N PHE A 254 22.15 31.65 16.17
CA PHE A 254 20.81 31.22 15.79
C PHE A 254 20.23 30.20 16.77
N PHE A 255 18.89 30.17 16.82
CA PHE A 255 18.15 29.50 17.89
C PHE A 255 18.54 28.04 18.06
N SER A 256 18.73 27.30 16.96
CA SER A 256 18.89 25.86 17.18
C SER A 256 20.34 25.39 17.28
N THR A 257 21.32 26.24 16.93
CA THR A 257 22.72 25.90 16.62
C THR A 257 23.57 25.60 17.87
N MET A 258 24.83 25.23 17.60
CA MET A 258 25.75 24.75 18.62
C MET A 258 26.97 25.66 18.70
N CYS A 259 27.31 26.14 19.89
CA CYS A 259 28.53 26.92 20.04
C CYS A 259 29.70 25.94 20.25
N LEU A 260 30.63 25.91 19.29
CA LEU A 260 31.68 24.90 19.28
C LEU A 260 32.91 25.22 20.15
N GLU A 261 33.21 26.50 20.39
CA GLU A 261 34.49 26.95 20.95
C GLU A 261 34.49 28.46 21.10
N GLY A 262 35.19 28.94 22.10
CA GLY A 262 35.22 30.37 22.30
C GLY A 262 34.13 30.73 23.26
N THR A 263 33.87 32.03 23.36
CA THR A 263 32.86 32.49 24.30
C THR A 263 32.22 33.78 23.82
N ALA A 264 30.92 33.92 24.00
CA ALA A 264 30.25 35.15 23.63
C ALA A 264 29.14 35.48 24.63
N GLN A 265 28.73 36.73 24.61
CA GLN A 265 27.56 37.23 25.33
C GLN A 265 26.79 38.10 24.37
N GLY A 266 25.47 38.05 24.47
CA GLY A 266 24.65 38.86 23.60
C GLY A 266 23.22 38.86 24.07
N LEU A 267 22.42 39.70 23.41
CA LEU A 267 21.06 39.96 23.79
C LEU A 267 20.09 39.15 22.93
N VAL A 268 18.94 38.78 23.54
CA VAL A 268 17.95 37.92 22.90
C VAL A 268 17.06 38.76 22.00
N VAL A 269 16.94 38.33 20.74
CA VAL A 269 16.33 39.14 19.69
C VAL A 269 15.04 38.50 19.16
N ASN A 270 15.00 37.17 19.06
CA ASN A 270 13.76 36.46 18.84
C ASN A 270 13.75 35.20 19.68
N THR A 271 12.56 34.87 20.20
CA THR A 271 12.27 33.62 20.89
C THR A 271 11.25 32.84 20.07
N GLY A 272 11.39 31.53 20.01
CA GLY A 272 10.31 30.70 19.51
C GLY A 272 10.11 30.78 18.01
N ASP A 273 8.84 30.75 17.59
CA ASP A 273 8.49 30.74 16.17
C ASP A 273 9.12 31.91 15.41
N ARG A 274 9.40 33.02 16.11
CA ARG A 274 9.91 34.25 15.50
C ARG A 274 11.39 34.17 15.11
N THR A 275 12.08 33.07 15.43
CA THR A 275 13.49 32.90 15.11
C THR A 275 13.67 32.39 13.68
N ILE A 276 14.84 32.67 13.11
CA ILE A 276 15.15 32.21 11.74
C ILE A 276 14.81 30.75 11.60
N ILE A 277 15.01 29.98 12.66
CA ILE A 277 14.63 28.57 12.65
C ILE A 277 13.13 28.41 12.44
N GLY A 278 12.33 29.02 13.32
CA GLY A 278 10.89 28.91 13.19
C GLY A 278 10.38 29.54 11.91
N ARG A 279 11.14 30.47 11.34
CA ARG A 279 10.70 31.05 10.09
C ARG A 279 10.91 30.07 8.95
N ILE A 280 12.14 29.53 8.82
CA ILE A 280 12.40 28.54 7.78
C ILE A 280 11.47 27.34 7.91
N ALA A 281 11.15 26.94 9.14
CA ALA A 281 10.18 25.86 9.29
C ALA A 281 8.81 26.30 8.79
N SER A 282 8.36 27.50 9.22
CA SER A 282 7.06 28.03 8.76
C SER A 282 6.99 28.19 7.25
N LEU A 283 8.13 28.28 6.57
CA LEU A 283 8.14 28.18 5.12
C LEU A 283 7.54 26.84 4.65
N ALA A 284 7.79 25.75 5.40
CA ALA A 284 7.34 24.45 4.93
C ALA A 284 5.84 24.23 5.14
N SER A 285 5.19 25.17 5.84
CA SER A 285 3.73 25.27 5.79
C SER A 285 3.26 25.72 4.40
N GLY A 286 3.81 26.82 3.88
CA GLY A 286 3.51 27.25 2.52
C GLY A 286 3.98 26.33 1.40
N VAL A 287 4.46 25.11 1.71
CA VAL A 287 4.76 24.09 0.70
C VAL A 287 3.69 23.02 0.80
N GLU A 288 3.04 22.73 -0.33
CA GLU A 288 1.93 21.80 -0.40
C GLU A 288 2.41 20.42 -0.85
N ASN A 289 1.95 19.39 -0.15
CA ASN A 289 2.35 18.01 -0.44
C ASN A 289 1.51 17.49 -1.60
N GLU A 290 2.10 17.51 -2.80
CA GLU A 290 1.50 16.88 -3.96
C GLU A 290 1.35 15.37 -3.74
N LYS A 291 0.58 14.72 -4.60
CA LYS A 291 0.24 13.33 -4.33
C LYS A 291 1.21 12.36 -4.99
N THR A 292 1.36 11.21 -4.35
CA THR A 292 2.44 10.30 -4.66
C THR A 292 2.20 9.65 -6.00
N PRO A 293 3.26 9.11 -6.62
CA PRO A 293 3.06 8.41 -7.90
C PRO A 293 2.14 7.21 -7.80
N ILE A 294 2.11 6.53 -6.64
CA ILE A 294 1.24 5.36 -6.51
C ILE A 294 -0.22 5.79 -6.43
N ALA A 295 -0.49 6.88 -5.70
CA ALA A 295 -1.84 7.44 -5.64
C ALA A 295 -2.31 7.86 -7.04
N ILE A 296 -1.43 8.49 -7.82
CA ILE A 296 -1.77 8.78 -9.20
C ILE A 296 -2.17 7.52 -9.94
N GLU A 297 -1.35 6.47 -9.83
CA GLU A 297 -1.59 5.25 -10.61
C GLU A 297 -2.93 4.58 -10.22
N ILE A 298 -3.16 4.44 -8.93
CA ILE A 298 -4.46 3.93 -8.48
C ILE A 298 -5.58 4.75 -9.11
N GLU A 299 -5.49 6.07 -9.03
CA GLU A 299 -6.56 6.87 -9.64
C GLU A 299 -6.65 6.66 -11.15
N HIS A 300 -5.55 6.34 -11.81
CA HIS A 300 -5.62 6.05 -13.24
C HIS A 300 -6.48 4.83 -13.49
N PHE A 301 -6.28 3.75 -12.71
CA PHE A 301 -7.07 2.60 -13.11
C PHE A 301 -8.49 2.67 -12.55
N VAL A 302 -8.71 3.30 -11.40
CA VAL A 302 -10.08 3.68 -11.05
C VAL A 302 -10.76 4.37 -12.22
N ASP A 303 -10.02 5.22 -12.96
CA ASP A 303 -10.63 5.84 -14.14
C ASP A 303 -10.92 4.82 -15.23
N ILE A 304 -10.04 3.84 -15.43
CA ILE A 304 -10.29 2.79 -16.45
C ILE A 304 -11.53 1.96 -16.09
N ILE A 305 -11.59 1.50 -14.85
CA ILE A 305 -12.78 0.85 -14.30
C ILE A 305 -14.01 1.68 -14.55
N ALA A 306 -13.95 2.98 -14.26
CA ALA A 306 -15.14 3.82 -14.39
C ALA A 306 -15.59 3.89 -15.83
N GLY A 307 -14.66 4.18 -16.74
CA GLY A 307 -14.93 4.03 -18.16
C GLY A 307 -15.66 2.75 -18.50
N LEU A 308 -15.09 1.59 -18.15
CA LEU A 308 -15.73 0.33 -18.48
C LEU A 308 -17.14 0.24 -17.90
N ALA A 309 -17.29 0.54 -16.61
CA ALA A 309 -18.60 0.40 -15.96
C ALA A 309 -19.66 1.24 -16.68
N ILE A 310 -19.30 2.46 -17.10
CA ILE A 310 -20.26 3.29 -17.83
C ILE A 310 -20.54 2.73 -19.21
N LEU A 311 -19.49 2.43 -19.97
CA LEU A 311 -19.65 1.92 -21.33
C LEU A 311 -20.52 0.65 -21.35
N PHE A 312 -20.23 -0.29 -20.46
CA PHE A 312 -21.06 -1.48 -20.37
C PHE A 312 -22.48 -1.10 -19.94
N GLY A 313 -22.66 -0.70 -18.68
CA GLY A 313 -23.97 -0.31 -18.16
C GLY A 313 -24.87 0.41 -19.17
N ALA A 314 -24.28 1.34 -19.91
CA ALA A 314 -25.02 2.03 -20.96
C ALA A 314 -25.39 1.05 -22.07
N THR A 315 -24.41 0.29 -22.57
CA THR A 315 -24.70 -0.62 -23.66
C THR A 315 -25.81 -1.61 -23.29
N PHE A 316 -25.75 -2.17 -22.10
CA PHE A 316 -26.79 -3.14 -21.78
C PHE A 316 -28.06 -2.50 -21.23
N PHE A 317 -28.07 -1.19 -20.98
CA PHE A 317 -29.35 -0.53 -20.77
C PHE A 317 -30.07 -0.33 -22.09
N ILE A 318 -29.34 0.10 -23.12
CA ILE A 318 -29.90 0.10 -24.46
C ILE A 318 -30.43 -1.29 -24.81
N VAL A 319 -29.61 -2.32 -24.58
CA VAL A 319 -30.03 -3.68 -24.95
C VAL A 319 -31.21 -4.11 -24.10
N ALA A 320 -31.11 -3.91 -22.79
CA ALA A 320 -32.19 -4.27 -21.87
C ALA A 320 -33.52 -3.67 -22.32
N MET A 321 -33.53 -2.40 -22.73
CA MET A 321 -34.80 -1.83 -23.16
C MET A 321 -35.20 -2.28 -24.56
N CYS A 322 -34.25 -2.63 -25.42
CA CYS A 322 -34.63 -3.24 -26.70
C CYS A 322 -35.16 -4.66 -26.55
N ILE A 323 -34.96 -5.31 -25.40
CA ILE A 323 -35.54 -6.64 -25.14
C ILE A 323 -36.92 -6.48 -24.49
N GLY A 324 -37.41 -5.24 -24.47
CA GLY A 324 -38.73 -4.96 -23.96
C GLY A 324 -38.84 -4.91 -22.46
N TYR A 325 -37.73 -4.76 -21.75
CA TYR A 325 -37.79 -4.51 -20.31
C TYR A 325 -38.32 -3.09 -20.06
N THR A 326 -38.91 -2.89 -18.88
CA THR A 326 -39.28 -1.55 -18.46
C THR A 326 -38.04 -0.69 -18.21
N PHE A 327 -38.07 0.55 -18.68
CA PHE A 327 -37.02 1.55 -18.43
C PHE A 327 -36.63 1.54 -16.97
N LEU A 328 -37.60 1.34 -16.09
CA LEU A 328 -37.32 1.33 -14.68
C LEU A 328 -36.53 0.11 -14.21
N ARG A 329 -36.53 -1.01 -14.97
CA ARG A 329 -35.63 -2.08 -14.56
C ARG A 329 -34.33 -2.01 -15.35
N ALA A 330 -34.38 -1.56 -16.60
CA ALA A 330 -33.16 -1.29 -17.36
C ALA A 330 -32.24 -0.30 -16.64
N MET A 331 -32.81 0.61 -15.85
CA MET A 331 -31.96 1.44 -15.00
C MET A 331 -31.38 0.63 -13.85
N VAL A 332 -32.12 -0.35 -13.34
CA VAL A 332 -31.63 -1.19 -12.24
C VAL A 332 -30.45 -2.05 -12.69
N PHE A 333 -30.46 -2.51 -13.95
CA PHE A 333 -29.33 -3.29 -14.44
C PHE A 333 -28.19 -2.44 -14.93
N PHE A 334 -28.49 -1.26 -15.46
CA PHE A 334 -27.45 -0.26 -15.59
C PHE A 334 -26.70 -0.12 -14.27
N MET A 335 -27.45 0.11 -13.19
CA MET A 335 -26.83 0.27 -11.87
C MET A 335 -26.04 -0.97 -11.47
N ALA A 336 -26.64 -2.16 -11.60
CA ALA A 336 -25.94 -3.37 -11.16
C ALA A 336 -24.65 -3.59 -11.93
N ILE A 337 -24.64 -3.30 -13.24
CA ILE A 337 -23.44 -3.45 -14.05
C ILE A 337 -22.38 -2.46 -13.60
N VAL A 338 -22.74 -1.16 -13.57
CA VAL A 338 -21.83 -0.12 -13.09
C VAL A 338 -21.16 -0.54 -11.78
N VAL A 339 -21.96 -1.02 -10.82
CA VAL A 339 -21.36 -1.47 -9.56
C VAL A 339 -20.55 -2.76 -9.75
N ALA A 340 -20.92 -3.58 -10.72
CA ALA A 340 -20.27 -4.86 -10.88
C ALA A 340 -18.84 -4.71 -11.36
N TYR A 341 -18.48 -3.55 -11.92
CA TYR A 341 -17.09 -3.36 -12.31
C TYR A 341 -16.15 -2.93 -11.18
N VAL A 342 -16.66 -2.74 -9.96
CA VAL A 342 -15.85 -2.23 -8.84
C VAL A 342 -15.37 -3.40 -8.00
N PRO A 343 -14.08 -3.77 -8.04
CA PRO A 343 -13.63 -4.90 -7.22
C PRO A 343 -13.88 -4.62 -5.75
N GLU A 344 -14.14 -5.67 -5.01
CA GLU A 344 -14.53 -5.55 -3.61
C GLU A 344 -13.37 -5.75 -2.66
N GLY A 345 -12.37 -6.51 -3.06
CA GLY A 345 -11.29 -6.83 -2.15
C GLY A 345 -9.99 -6.12 -2.48
N LEU A 346 -9.98 -5.41 -3.61
CA LEU A 346 -8.73 -4.82 -4.10
C LEU A 346 -8.07 -3.95 -3.04
N LEU A 347 -8.82 -2.94 -2.55
CA LEU A 347 -8.34 -2.02 -1.54
C LEU A 347 -7.75 -2.75 -0.34
N ALA A 348 -8.39 -3.84 0.07
CA ALA A 348 -7.84 -4.67 1.14
C ALA A 348 -6.47 -5.21 0.77
N THR A 349 -6.37 -5.89 -0.37
CA THR A 349 -5.11 -6.57 -0.66
C THR A 349 -3.98 -5.59 -0.90
N VAL A 350 -4.18 -4.51 -1.69
CA VAL A 350 -3.04 -3.59 -1.84
C VAL A 350 -2.65 -3.03 -0.49
N THR A 351 -3.64 -2.68 0.36
CA THR A 351 -3.25 -2.18 1.67
C THR A 351 -2.57 -3.25 2.52
N VAL A 352 -2.70 -4.53 2.17
CA VAL A 352 -1.83 -5.52 2.82
C VAL A 352 -0.42 -5.52 2.21
N CYS A 353 -0.31 -5.46 0.87
CA CYS A 353 1.00 -5.57 0.23
C CYS A 353 1.94 -4.42 0.62
N LEU A 354 1.47 -3.19 0.43
CA LEU A 354 2.25 -2.06 0.91
C LEU A 354 2.68 -2.30 2.34
N SER A 355 1.79 -2.85 3.17
CA SER A 355 2.12 -3.01 4.58
C SER A 355 3.24 -4.01 4.77
N LEU A 356 3.24 -5.11 4.01
CA LEU A 356 4.35 -6.07 4.10
C LEU A 356 5.67 -5.43 3.66
N THR A 357 5.65 -4.60 2.61
CA THR A 357 6.91 -3.94 2.23
C THR A 357 7.37 -2.98 3.32
N ALA A 358 6.44 -2.25 3.92
CA ALA A 358 6.78 -1.42 5.08
C ALA A 358 7.44 -2.25 6.15
N LYS A 359 6.88 -3.41 6.47
CA LYS A 359 7.53 -4.24 7.48
C LYS A 359 8.97 -4.57 7.09
N ARG A 360 9.21 -4.89 5.81
CA ARG A 360 10.58 -5.18 5.34
C ARG A 360 11.51 -4.00 5.63
N LEU A 361 11.13 -2.79 5.19
CA LEU A 361 11.96 -1.62 5.43
C LEU A 361 12.11 -1.32 6.92
N ALA A 362 11.03 -1.42 7.69
CA ALA A 362 11.12 -1.18 9.13
C ALA A 362 12.12 -2.11 9.76
N SER A 363 12.15 -3.36 9.29
CA SER A 363 13.20 -4.29 9.67
C SER A 363 14.59 -3.73 9.36
N LYS A 364 14.74 -3.01 8.24
CA LYS A 364 16.05 -2.45 7.94
C LYS A 364 16.28 -1.04 8.53
N ASN A 365 15.54 -0.68 9.59
CA ASN A 365 15.65 0.64 10.28
C ASN A 365 15.30 1.80 9.35
N CYS A 366 14.18 1.67 8.68
CA CYS A 366 13.68 2.60 7.67
C CYS A 366 12.17 2.67 7.90
N VAL A 367 11.75 3.57 8.76
CA VAL A 367 10.36 3.64 9.19
C VAL A 367 9.64 4.60 8.26
N VAL A 368 8.48 4.17 7.76
CA VAL A 368 7.75 4.92 6.75
C VAL A 368 6.46 5.41 7.39
N LYS A 369 6.07 6.65 7.05
CA LYS A 369 5.01 7.32 7.79
C LYS A 369 3.64 6.97 7.28
N ASN A 370 3.55 6.36 6.11
CA ASN A 370 2.28 6.02 5.48
C ASN A 370 2.59 5.12 4.29
N LEU A 371 1.62 4.26 3.92
CA LEU A 371 1.94 3.11 3.08
C LEU A 371 2.34 3.50 1.66
N GLU A 372 1.73 4.56 1.08
CA GLU A 372 2.09 4.96 -0.28
C GLU A 372 3.59 5.16 -0.45
N ALA A 373 4.27 5.66 0.58
CA ALA A 373 5.69 5.94 0.45
C ALA A 373 6.53 4.71 0.16
N VAL A 374 6.09 3.50 0.55
CA VAL A 374 6.92 2.33 0.25
C VAL A 374 7.13 2.18 -1.25
N GLU A 375 6.31 2.81 -2.09
CA GLU A 375 6.57 2.71 -3.52
C GLU A 375 7.52 3.76 -4.04
N THR A 376 7.51 4.96 -3.46
CA THR A 376 7.94 6.13 -4.21
C THR A 376 9.39 5.99 -4.73
N LEU A 377 10.31 5.48 -3.91
CA LEU A 377 11.71 5.42 -4.31
C LEU A 377 11.93 4.58 -5.55
N GLY A 378 11.03 3.62 -5.80
CA GLY A 378 11.16 2.80 -6.99
C GLY A 378 10.87 3.58 -8.26
N SER A 379 10.03 4.61 -8.17
CA SER A 379 9.66 5.39 -9.34
C SER A 379 10.55 6.60 -9.56
N THR A 380 11.41 6.91 -8.57
CA THR A 380 12.24 8.10 -8.56
C THR A 380 13.27 8.09 -9.68
N SER A 381 13.47 9.24 -10.32
CA SER A 381 14.47 9.39 -11.35
C SER A 381 15.63 10.31 -10.98
N VAL A 382 15.45 11.21 -10.01
CA VAL A 382 16.53 12.05 -9.49
C VAL A 382 16.45 12.04 -7.97
N ILE A 383 17.60 12.24 -7.31
CA ILE A 383 17.67 12.44 -5.87
C ILE A 383 18.33 13.78 -5.62
N CYS A 384 17.55 14.79 -5.25
CA CYS A 384 18.16 16.03 -4.78
C CYS A 384 18.60 15.78 -3.34
N SER A 385 19.91 15.91 -3.07
CA SER A 385 20.43 15.49 -1.77
C SER A 385 21.31 16.53 -1.09
N LYS A 387 24.08 17.89 1.67
CA LYS A 387 25.45 17.40 1.79
C LYS A 387 25.80 17.18 3.25
N THR A 388 25.88 18.28 4.01
CA THR A 388 26.36 18.21 5.39
C THR A 388 25.34 17.55 6.29
N GLY A 389 25.74 16.48 7.01
CA GLY A 389 24.84 15.72 7.87
C GLY A 389 24.02 14.66 7.14
N THR A 390 23.89 14.76 5.82
CA THR A 390 23.20 13.79 5.02
C THR A 390 24.20 12.84 4.38
N LEU A 391 24.78 13.27 3.26
CA LEU A 391 25.87 12.49 2.66
C LEU A 391 27.05 12.38 3.62
N THR A 392 27.39 13.47 4.30
CA THR A 392 28.52 13.51 5.23
C THR A 392 28.03 13.23 6.65
N GLN A 393 28.97 13.12 7.58
CA GLN A 393 28.61 12.86 8.94
C GLN A 393 28.46 14.07 9.79
N ASN A 394 28.76 15.22 9.24
CA ASN A 394 28.80 16.48 9.95
C ASN A 394 29.70 16.35 11.14
N ARG A 395 30.90 15.92 10.92
CA ARG A 395 31.84 15.80 12.00
C ARG A 395 33.21 15.96 11.46
N MET A 396 33.93 16.97 11.87
CA MET A 396 35.23 17.14 11.36
C MET A 396 36.13 16.09 11.90
N THR A 397 36.78 15.36 11.01
CA THR A 397 37.65 14.28 11.36
C THR A 397 38.91 14.38 10.58
N VAL A 398 39.98 13.87 11.14
CA VAL A 398 41.28 13.90 10.48
C VAL A 398 41.21 13.00 9.24
N SER A 399 41.56 13.56 8.07
CA SER A 399 41.50 12.79 6.84
C SER A 399 42.84 12.55 6.18
N HIS A 400 43.81 13.48 6.31
CA HIS A 400 45.10 13.42 5.61
C HIS A 400 46.22 13.87 6.53
N LEU A 401 47.45 13.47 6.20
CA LEU A 401 48.64 13.98 6.88
C LEU A 401 49.73 14.22 5.86
N TRP A 402 50.71 15.05 6.21
CA TRP A 402 51.89 15.27 5.37
C TRP A 402 53.11 15.04 6.23
N PHE A 403 53.80 13.91 6.03
CA PHE A 403 54.95 13.62 6.87
C PHE A 403 55.84 12.62 6.16
N ASP A 404 57.16 12.75 6.34
CA ASP A 404 58.14 12.00 5.56
C ASP A 404 57.95 12.29 4.08
N ASN A 405 57.66 13.55 3.75
CA ASN A 405 57.46 14.04 2.40
C ASN A 405 56.51 13.14 1.62
N HIS A 406 55.28 13.11 2.10
CA HIS A 406 54.24 12.31 1.50
C HIS A 406 52.91 12.70 2.14
N ILE A 407 51.86 12.68 1.34
CA ILE A 407 50.50 12.90 1.81
C ILE A 407 49.91 11.53 2.12
N HIS A 408 49.76 11.23 3.39
CA HIS A 408 49.06 10.07 3.86
C HIS A 408 47.58 10.34 4.01
N SER A 409 46.82 9.25 4.19
CA SER A 409 45.37 9.23 4.00
C SER A 409 44.73 8.39 5.09
N ALA A 410 44.15 9.05 6.10
CA ALA A 410 43.54 8.42 7.26
C ALA A 410 42.13 7.90 6.95
N ASP A 411 41.68 6.95 7.76
CA ASP A 411 40.36 6.33 7.54
C ASP A 411 39.29 7.20 8.19
N THR A 412 38.50 7.89 7.37
CA THR A 412 37.51 8.83 7.88
C THR A 412 36.13 8.22 8.17
N THR A 413 35.98 6.88 8.14
CA THR A 413 34.65 6.30 8.30
C THR A 413 34.23 6.27 9.77
N GLU A 414 32.92 6.18 10.00
CA GLU A 414 32.38 6.21 11.34
C GLU A 414 32.41 4.84 12.01
N ASP A 415 32.30 3.76 11.23
CA ASP A 415 32.52 2.39 11.68
C ASP A 415 33.96 1.94 11.53
N GLN A 416 34.85 2.80 11.04
CA GLN A 416 36.29 2.53 10.89
C GLN A 416 36.52 1.25 10.06
N SER A 417 36.16 1.37 8.78
CA SER A 417 36.11 0.24 7.87
C SER A 417 36.76 0.58 6.54
N GLY A 418 37.93 1.22 6.60
CA GLY A 418 38.64 1.63 5.41
C GLY A 418 40.15 1.61 5.58
N GLN A 419 40.85 2.29 4.67
CA GLN A 419 42.31 2.22 4.58
C GLN A 419 42.94 3.19 5.56
N THR A 420 43.55 2.68 6.64
CA THR A 420 44.33 3.60 7.46
C THR A 420 45.68 3.86 6.77
N PHE A 421 46.57 4.60 7.43
CA PHE A 421 47.85 4.98 6.84
C PHE A 421 49.02 4.30 7.55
N ASP A 422 50.19 4.40 6.94
CA ASP A 422 51.38 3.70 7.42
C ASP A 422 51.90 4.31 8.73
N GLN A 423 52.03 3.49 9.77
CA GLN A 423 52.47 3.99 11.08
C GLN A 423 53.84 3.44 11.51
N SER A 424 54.66 2.99 10.54
CA SER A 424 55.99 2.45 10.84
C SER A 424 56.93 3.51 11.41
N SER A 425 56.94 4.69 10.79
CA SER A 425 58.10 5.59 10.80
C SER A 425 58.32 6.30 12.13
N GLU A 426 59.59 6.65 12.36
CA GLU A 426 59.93 7.49 13.49
C GLU A 426 59.25 8.84 13.36
N THR A 427 59.18 9.38 12.15
CA THR A 427 58.52 10.66 11.92
C THR A 427 57.06 10.60 12.39
N TRP A 428 56.33 9.56 12.01
CA TRP A 428 54.96 9.44 12.48
C TRP A 428 54.91 9.36 14.01
N ARG A 429 55.74 8.49 14.62
CA ARG A 429 55.68 8.38 16.06
C ARG A 429 55.88 9.74 16.74
N ALA A 430 56.74 10.58 16.16
CA ALA A 430 56.94 11.92 16.71
C ALA A 430 55.72 12.81 16.47
N LEU A 431 55.26 12.87 15.23
CA LEU A 431 54.10 13.68 14.87
C LEU A 431 52.88 13.31 15.71
N CYS A 432 52.69 12.02 15.94
CA CYS A 432 51.68 11.55 16.89
C CYS A 432 51.95 12.10 18.28
N ARG A 433 53.22 12.12 18.70
CA ARG A 433 53.51 12.69 20.02
C ARG A 433 53.06 14.14 20.09
N VAL A 434 53.31 14.92 19.04
CA VAL A 434 52.99 16.34 19.09
C VAL A 434 51.49 16.56 19.09
N LEU A 435 50.77 15.92 18.15
CA LEU A 435 49.33 16.14 18.10
C LEU A 435 48.61 15.52 19.29
N THR A 436 49.21 14.53 19.95
CA THR A 436 48.59 13.95 21.14
C THR A 436 48.83 14.81 22.37
N LEU A 437 50.04 15.37 22.49
CA LEU A 437 50.43 16.06 23.72
C LEU A 437 49.95 17.50 23.71
N CYS A 438 49.97 18.12 22.54
CA CYS A 438 49.57 19.50 22.36
C CYS A 438 48.07 19.53 22.05
N ASN A 439 47.28 19.46 23.11
CA ASN A 439 45.84 19.19 23.00
C ASN A 439 45.18 19.20 24.37
N ARG A 440 44.02 19.85 24.47
CA ARG A 440 43.33 20.04 25.73
C ARG A 440 41.95 19.42 25.77
N ALA A 441 41.58 18.63 24.77
CA ALA A 441 40.23 18.07 24.72
C ALA A 441 40.17 16.77 25.52
N ALA A 442 38.96 16.39 25.94
CA ALA A 442 38.81 15.22 26.78
C ALA A 442 37.43 14.63 26.61
N PHE A 443 37.37 13.30 26.56
CA PHE A 443 36.11 12.59 26.46
C PHE A 443 35.31 12.74 27.74
N LYS A 444 34.01 12.98 27.61
CA LYS A 444 33.13 12.89 28.77
C LYS A 444 33.16 11.46 29.31
N SER A 445 32.96 11.33 30.62
CA SER A 445 33.25 10.09 31.33
C SER A 445 32.27 8.96 31.01
N GLY A 446 32.74 7.73 31.14
CA GLY A 446 31.91 6.54 30.99
C GLY A 446 31.42 6.28 29.58
N GLN A 447 32.26 6.57 28.59
CA GLN A 447 31.90 6.38 27.19
C GLN A 447 32.60 5.19 26.56
N ASP A 448 33.07 4.23 27.38
CA ASP A 448 33.96 3.19 26.86
C ASP A 448 33.27 2.29 25.83
N ALA A 449 31.94 2.09 25.97
CA ALA A 449 31.20 1.28 24.99
C ALA A 449 30.93 2.03 23.69
N VAL A 450 30.76 3.35 23.76
CA VAL A 450 30.50 4.21 22.60
C VAL A 450 31.66 4.09 21.61
N PRO A 451 31.40 3.87 20.32
CA PRO A 451 32.49 3.90 19.36
C PRO A 451 33.11 5.29 19.36
N VAL A 452 34.43 5.33 19.12
CA VAL A 452 35.16 6.58 19.30
C VAL A 452 34.60 7.68 18.42
N PRO A 453 34.32 7.48 17.13
CA PRO A 453 33.82 8.58 16.29
C PRO A 453 32.54 9.22 16.79
N LYS A 454 31.78 8.55 17.68
CA LYS A 454 30.50 9.05 18.16
C LYS A 454 30.58 9.65 19.57
N ARG A 455 31.78 9.69 20.16
CA ARG A 455 31.92 10.10 21.56
C ARG A 455 31.87 11.61 21.74
N ILE A 456 31.23 12.05 22.83
CA ILE A 456 31.12 13.46 23.19
C ILE A 456 32.42 13.95 23.80
N VAL A 457 32.87 15.15 23.40
CA VAL A 457 34.19 15.67 23.76
C VAL A 457 34.06 17.12 24.22
N ILE A 458 34.57 17.40 25.42
CA ILE A 458 34.70 18.74 25.99
C ILE A 458 35.96 19.38 25.43
N GLY A 459 35.87 19.97 24.24
CA GLY A 459 37.00 20.63 23.60
C GLY A 459 36.57 21.60 22.52
N ASP A 460 37.57 22.11 21.79
CA ASP A 460 37.35 22.91 20.59
C ASP A 460 37.00 21.98 19.41
N ALA A 461 36.94 22.55 18.19
CA ALA A 461 36.56 21.79 17.01
C ALA A 461 37.73 20.95 16.46
N SER A 462 38.83 21.63 16.10
CA SER A 462 40.05 20.95 15.69
C SER A 462 40.57 20.03 16.77
N GLU A 463 40.53 20.48 18.03
CA GLU A 463 41.08 19.67 19.12
C GLU A 463 40.24 18.41 19.33
N THR A 464 38.92 18.50 19.15
CA THR A 464 38.10 17.30 19.22
C THR A 464 38.45 16.33 18.11
N ALA A 465 38.60 16.85 16.88
CA ALA A 465 38.93 15.97 15.76
C ALA A 465 40.22 15.21 16.01
N LEU A 466 41.29 15.94 16.43
CA LEU A 466 42.59 15.33 16.72
C LEU A 466 42.54 14.37 17.91
N LEU A 467 41.76 14.69 18.96
CA LEU A 467 41.66 13.78 20.11
C LEU A 467 41.06 12.43 19.71
N LYS A 468 39.99 12.45 18.92
CA LYS A 468 39.49 11.17 18.40
C LYS A 468 40.55 10.48 17.53
N PHE A 469 41.35 11.27 16.80
CA PHE A 469 42.38 10.69 15.93
C PHE A 469 43.47 9.97 16.73
N SER A 470 43.92 10.56 17.84
CA SER A 470 44.90 9.87 18.68
C SER A 470 44.29 8.64 19.33
N GLU A 471 43.03 8.75 19.78
CA GLU A 471 42.39 7.60 20.42
C GLU A 471 42.24 6.42 19.46
N LEU A 472 42.13 6.68 18.15
CA LEU A 472 42.00 5.61 17.18
C LEU A 472 43.32 5.15 16.56
N THR A 473 44.41 5.92 16.71
CA THR A 473 45.75 5.46 16.28
C THR A 473 46.60 4.98 17.46
N LEU A 474 46.80 5.84 18.45
CA LEU A 474 47.66 5.53 19.59
C LEU A 474 46.97 4.63 20.61
N GLY A 475 45.66 4.78 20.79
CA GLY A 475 44.94 4.06 21.81
C GLY A 475 45.10 4.68 23.19
N ASN A 476 43.98 5.03 23.83
CA ASN A 476 43.97 5.71 25.12
C ASN A 476 44.90 6.93 25.12
N ALA A 477 44.40 7.99 24.47
CA ALA A 477 45.21 9.21 24.33
C ALA A 477 45.35 9.95 25.66
N MET A 478 44.31 9.96 26.48
CA MET A 478 44.37 10.79 27.68
C MET A 478 45.35 10.25 28.69
N GLY A 479 45.42 8.93 28.84
CA GLY A 479 46.43 8.37 29.73
C GLY A 479 47.83 8.63 29.23
N TYR A 480 48.08 8.34 27.95
CA TYR A 480 49.34 8.71 27.32
C TYR A 480 49.71 10.15 27.65
N ARG A 481 48.79 11.07 27.40
CA ARG A 481 49.03 12.47 27.70
C ARG A 481 49.42 12.66 29.18
N GLU A 482 48.75 11.95 30.09
CA GLU A 482 49.11 12.03 31.52
C GLU A 482 50.54 11.59 31.76
N ARG A 483 51.04 10.61 30.99
CA ARG A 483 52.39 10.12 31.22
C ARG A 483 53.48 11.15 30.92
N PHE A 484 53.16 12.26 30.25
CA PHE A 484 54.14 13.30 29.93
C PHE A 484 53.69 14.62 30.56
N PRO A 485 53.78 14.74 31.88
CA PRO A 485 53.31 15.95 32.57
C PRO A 485 53.55 17.28 31.86
N LYS A 486 52.48 18.02 31.63
CA LYS A 486 52.53 19.38 31.11
C LYS A 486 53.05 20.32 32.19
N VAL A 487 54.16 21.02 31.89
CA VAL A 487 54.72 22.01 32.79
C VAL A 487 54.50 23.44 32.31
N CYS A 488 54.14 23.65 31.05
CA CYS A 488 53.91 25.01 30.59
C CYS A 488 52.98 24.95 29.38
N GLU A 489 52.17 25.99 29.17
CA GLU A 489 51.31 26.00 27.99
C GLU A 489 50.77 27.39 27.68
N ILE A 490 51.02 27.85 26.46
CA ILE A 490 50.29 28.95 25.85
C ILE A 490 49.11 28.37 25.07
N PRO A 491 47.87 28.69 25.42
CA PRO A 491 46.73 28.28 24.59
C PRO A 491 46.60 29.21 23.37
N PHE A 492 45.73 28.78 22.46
CA PHE A 492 45.46 29.57 21.25
C PHE A 492 44.99 30.96 21.64
N ASN A 493 45.57 31.96 20.98
CA ASN A 493 45.24 33.35 21.21
C ASN A 493 45.15 34.02 19.84
N SER A 494 45.01 35.35 19.87
CA SER A 494 45.06 36.17 18.66
C SER A 494 46.35 36.93 18.53
N THR A 495 47.16 36.99 19.59
CA THR A 495 48.54 37.46 19.47
C THR A 495 49.34 36.46 18.64
N ASN A 496 49.65 35.30 19.24
CA ASN A 496 50.57 34.34 18.63
C ASN A 496 49.93 33.55 17.48
N LYS A 497 48.67 33.14 17.65
CA LYS A 497 47.95 32.28 16.70
C LYS A 497 48.59 30.88 16.64
N PHE A 498 49.05 30.38 17.78
CA PHE A 498 49.45 28.99 17.89
C PHE A 498 49.26 28.52 19.32
N GLN A 499 49.17 27.19 19.49
CA GLN A 499 49.01 26.52 20.78
C GLN A 499 50.28 25.75 21.06
N LEU A 500 50.91 25.99 22.22
CA LEU A 500 52.11 25.20 22.54
C LEU A 500 52.14 24.86 24.02
N SER A 501 52.86 23.79 24.34
CA SER A 501 52.99 23.33 25.71
C SER A 501 54.31 22.59 25.84
N ILE A 502 54.89 22.63 27.05
CA ILE A 502 56.15 21.95 27.36
C ILE A 502 55.90 20.92 28.45
N HIS A 503 56.57 19.76 28.30
CA HIS A 503 56.33 18.53 29.06
C HIS A 503 57.64 17.87 29.53
N THR A 504 57.64 17.30 30.74
CA THR A 504 58.71 16.37 31.12
C THR A 504 58.46 14.98 30.50
N LEU A 505 59.55 14.28 30.16
CA LEU A 505 59.43 13.08 29.33
C LEU A 505 58.87 11.90 30.15
N GLU A 506 58.89 10.70 29.53
CA GLU A 506 58.24 9.52 30.09
C GLU A 506 59.10 8.82 31.15
N ASP A 507 60.20 8.20 30.74
CA ASP A 507 61.05 7.48 31.68
C ASP A 507 61.95 8.46 32.46
N PRO A 508 62.64 7.98 33.50
CA PRO A 508 63.56 8.87 34.23
C PRO A 508 64.96 8.93 33.63
N ARG A 509 65.32 7.95 32.80
CA ARG A 509 66.64 7.99 32.19
C ARG A 509 66.79 9.15 31.19
N ASP A 510 65.68 9.66 30.63
CA ASP A 510 65.69 10.91 29.89
C ASP A 510 65.07 11.98 30.76
N PRO A 511 65.81 12.99 31.19
CA PRO A 511 65.23 13.97 32.12
C PRO A 511 64.95 15.30 31.45
N ARG A 512 64.95 15.30 30.11
CA ARG A 512 64.80 16.49 29.31
C ARG A 512 63.37 17.03 29.39
N HIS A 513 63.14 18.15 28.71
CA HIS A 513 61.80 18.65 28.41
C HIS A 513 61.53 18.53 26.91
N VAL A 514 60.25 18.43 26.54
CA VAL A 514 59.83 18.44 25.14
C VAL A 514 58.78 19.54 24.95
N LEU A 515 59.04 20.43 24.00
CA LEU A 515 58.14 21.50 23.61
C LEU A 515 57.40 21.06 22.35
N VAL A 516 56.06 21.09 22.40
CA VAL A 516 55.19 20.72 21.29
C VAL A 516 54.28 21.91 20.95
N MET A 517 54.07 22.13 19.66
CA MET A 517 53.30 23.30 19.22
C MET A 517 52.58 22.98 17.92
N LYS A 518 51.40 23.59 17.75
CA LYS A 518 50.59 23.41 16.55
C LYS A 518 49.89 24.73 16.19
N GLY A 519 49.67 24.93 14.89
CA GLY A 519 49.03 26.16 14.46
C GLY A 519 48.89 26.20 12.97
N ALA A 520 48.45 27.34 12.48
CA ALA A 520 48.32 27.55 11.04
C ALA A 520 49.63 27.15 10.35
N PRO A 521 49.58 26.45 9.23
CA PRO A 521 50.81 25.85 8.67
C PRO A 521 51.93 26.84 8.30
N GLU A 522 51.60 27.96 7.64
CA GLU A 522 52.62 28.98 7.38
C GLU A 522 53.21 29.51 8.66
N ARG A 523 52.36 29.75 9.66
CA ARG A 523 52.82 30.31 10.91
C ARG A 523 53.66 29.32 11.70
N VAL A 524 53.43 28.02 11.54
CA VAL A 524 54.33 27.05 12.15
C VAL A 524 55.63 26.99 11.38
N LEU A 525 55.57 27.13 10.06
CA LEU A 525 56.78 26.94 9.25
C LEU A 525 57.84 28.00 9.55
N GLU A 526 57.46 29.27 9.51
CA GLU A 526 58.43 30.34 9.75
C GLU A 526 59.08 30.21 11.12
N ARG A 527 58.33 29.76 12.12
CA ARG A 527 58.91 29.57 13.45
C ARG A 527 59.76 28.35 13.58
N CYS A 528 60.16 27.56 12.57
CA CYS A 528 61.01 26.42 12.86
C CYS A 528 61.98 26.21 11.70
N SER A 529 63.03 25.44 11.97
CA SER A 529 64.27 25.49 11.19
C SER A 529 64.82 24.14 10.74
N SER A 530 64.26 23.03 11.19
CA SER A 530 64.61 21.71 10.65
C SER A 530 63.33 20.90 10.49
N ILE A 531 63.43 19.79 9.75
CA ILE A 531 62.27 18.96 9.48
C ILE A 531 62.62 17.50 9.76
N LEU A 532 61.76 16.81 10.50
CA LEU A 532 61.94 15.39 10.71
C LEU A 532 61.70 14.68 9.40
N ILE A 533 62.66 13.85 8.97
CA ILE A 533 62.44 13.02 7.80
C ILE A 533 63.24 11.73 7.91
N LYS A 534 62.56 10.63 8.16
CA LYS A 534 63.12 9.29 7.96
C LYS A 534 64.23 8.95 8.95
N GLY A 535 64.15 9.50 10.16
CA GLY A 535 65.22 9.36 11.13
C GLY A 535 66.26 10.47 11.05
N GLN A 536 66.42 11.07 9.88
CA GLN A 536 67.16 12.33 9.79
C GLN A 536 66.34 13.44 10.44
N GLU A 537 67.03 14.54 10.76
CA GLU A 537 66.36 15.79 11.12
C GLU A 537 66.99 16.89 10.26
N LEU A 538 66.63 16.95 8.96
CA LEU A 538 67.45 17.71 8.03
C LEU A 538 67.21 19.21 8.08
N PRO A 539 68.20 20.01 7.65
CA PRO A 539 67.99 21.45 7.49
C PRO A 539 66.84 21.73 6.53
N LEU A 540 66.02 22.73 6.91
CA LEU A 540 64.86 23.18 6.15
C LEU A 540 65.32 24.12 5.05
N ASP A 541 65.85 23.54 3.98
CA ASP A 541 66.32 24.34 2.87
C ASP A 541 65.15 24.80 2.00
N GLU A 542 65.45 25.56 0.96
CA GLU A 542 64.42 26.17 0.13
C GLU A 542 63.45 25.14 -0.40
N GLN A 543 63.97 23.97 -0.78
CA GLN A 543 63.11 22.98 -1.43
C GLN A 543 62.11 22.36 -0.45
N TRP A 544 62.48 22.23 0.83
CA TRP A 544 61.51 21.71 1.80
C TRP A 544 60.40 22.73 2.06
N ARG A 545 60.74 24.02 2.09
CA ARG A 545 59.67 25.01 2.21
C ARG A 545 58.79 25.00 0.97
N GLU A 546 59.37 24.77 -0.21
CA GLU A 546 58.51 24.72 -1.40
C GLU A 546 57.64 23.48 -1.42
N ALA A 547 58.15 22.34 -0.93
CA ALA A 547 57.37 21.11 -0.95
C ALA A 547 56.28 21.13 0.12
N PHE A 548 56.63 21.59 1.33
CA PHE A 548 55.63 21.87 2.36
C PHE A 548 54.52 22.77 1.82
N GLN A 549 54.88 23.93 1.25
CA GLN A 549 53.86 24.81 0.71
C GLN A 549 53.02 24.10 -0.38
N THR A 550 53.63 23.25 -1.21
CA THR A 550 52.85 22.51 -2.21
C THR A 550 51.80 21.61 -1.55
N ALA A 551 52.22 20.83 -0.54
CA ALA A 551 51.27 19.96 0.18
C ALA A 551 50.16 20.78 0.83
N TYR A 552 50.52 21.86 1.54
CA TYR A 552 49.53 22.73 2.18
C TYR A 552 48.48 23.20 1.18
N LEU A 553 48.92 23.63 0.01
CA LEU A 553 47.92 24.13 -0.92
C LEU A 553 47.11 22.99 -1.53
N SER A 554 47.69 21.79 -1.66
CA SER A 554 46.90 20.68 -2.20
C SER A 554 45.79 20.26 -1.23
N LEU A 555 46.08 20.15 0.07
CA LEU A 555 45.02 19.82 1.00
C LEU A 555 44.03 20.97 1.15
N GLY A 556 44.47 22.21 1.00
CA GLY A 556 43.51 23.30 0.90
C GLY A 556 42.64 23.21 -0.34
N GLY A 557 43.18 22.64 -1.44
CA GLY A 557 42.41 22.54 -2.68
C GLY A 557 41.32 21.49 -2.63
N LEU A 558 41.49 20.47 -1.80
CA LEU A 558 40.45 19.49 -1.58
C LEU A 558 39.49 19.92 -0.49
N GLY A 559 39.48 21.20 -0.13
CA GLY A 559 38.55 21.71 0.85
C GLY A 559 38.70 21.17 2.26
N GLU A 560 39.94 21.02 2.74
CA GLU A 560 40.24 20.57 4.08
C GLU A 560 40.95 21.68 4.86
N ARG A 561 40.92 21.57 6.20
CA ARG A 561 41.51 22.56 7.11
C ARG A 561 42.86 22.03 7.59
N VAL A 562 43.95 22.70 7.20
CA VAL A 562 45.29 22.17 7.42
C VAL A 562 45.89 22.81 8.66
N LEU A 563 46.47 21.98 9.53
CA LEU A 563 47.22 22.40 10.71
C LEU A 563 48.65 21.84 10.65
N GLY A 564 49.64 22.68 10.98
CA GLY A 564 51.03 22.27 11.08
C GLY A 564 51.44 22.02 12.51
N PHE A 565 52.25 20.96 12.71
CA PHE A 565 52.76 20.54 14.02
C PHE A 565 54.29 20.53 14.06
N CYS A 566 54.86 20.75 15.25
CA CYS A 566 56.32 20.83 15.40
C CYS A 566 56.73 20.61 16.87
N GLN A 567 58.04 20.35 17.05
CA GLN A 567 58.57 19.97 18.37
C GLN A 567 59.96 20.56 18.55
N LEU A 568 60.44 20.51 19.80
CA LEU A 568 61.84 20.80 20.13
C LEU A 568 62.17 20.21 21.48
N TYR A 569 63.11 19.26 21.54
CA TYR A 569 63.57 18.76 22.82
C TYR A 569 64.55 19.76 23.41
N LEU A 570 64.39 20.08 24.68
CA LEU A 570 65.19 21.08 25.35
C LEU A 570 66.30 20.40 26.14
N SER A 571 67.50 21.00 26.09
CA SER A 571 68.67 20.47 26.76
C SER A 571 68.43 20.31 28.27
N GLU A 572 69.22 19.40 28.89
CA GLU A 572 69.32 19.36 30.34
C GLU A 572 70.21 20.49 30.85
N LYS A 573 71.29 20.80 30.14
CA LYS A 573 72.15 21.95 30.45
C LYS A 573 71.30 23.20 30.60
N ASP A 574 70.63 23.63 29.53
CA ASP A 574 69.93 24.90 29.54
C ASP A 574 68.67 24.84 30.39
N TYR A 575 67.84 23.80 30.20
CA TYR A 575 66.56 23.65 30.89
C TYR A 575 66.57 22.36 31.70
N PRO A 576 67.04 22.41 32.95
CA PRO A 576 67.14 21.20 33.77
C PRO A 576 65.89 21.01 34.60
N PRO A 577 65.59 19.77 35.01
CA PRO A 577 64.37 19.50 35.77
C PRO A 577 64.05 20.55 36.82
N GLY A 578 62.78 20.95 36.90
CA GLY A 578 62.32 21.98 37.80
C GLY A 578 62.46 23.39 37.29
N TYR A 579 62.76 23.58 36.01
CA TYR A 579 63.01 24.90 35.45
C TYR A 579 61.71 25.68 35.29
N ALA A 580 61.69 26.93 35.78
CA ALA A 580 60.47 27.75 35.76
C ALA A 580 60.31 28.41 34.40
N PHE A 581 59.46 27.82 33.53
CA PHE A 581 59.14 28.48 32.27
C PHE A 581 58.12 29.59 32.49
N ASP A 582 58.22 30.67 31.72
CA ASP A 582 57.33 31.82 31.89
C ASP A 582 56.80 32.26 30.52
N VAL A 583 55.50 32.08 30.27
CA VAL A 583 54.96 32.34 28.94
C VAL A 583 55.06 33.83 28.56
N GLU A 584 54.98 34.74 29.54
CA GLU A 584 55.09 36.15 29.20
C GLU A 584 56.57 36.54 29.02
N ALA A 585 57.44 36.16 29.95
CA ALA A 585 58.86 36.43 29.74
C ALA A 585 59.38 35.75 28.48
N MET A 586 58.65 34.75 27.98
CA MET A 586 59.16 33.83 26.97
C MET A 586 60.64 33.54 27.25
N ASN A 587 60.89 32.74 28.29
CA ASN A 587 62.23 32.26 28.56
C ASN A 587 62.36 30.79 28.15
N PHE A 588 62.10 30.56 26.86
CA PHE A 588 62.32 29.28 26.21
C PHE A 588 62.24 29.54 24.70
N PRO A 589 62.66 28.61 23.84
CA PRO A 589 62.62 28.90 22.40
C PRO A 589 61.19 28.86 21.85
N THR A 590 60.86 29.87 21.06
CA THR A 590 59.67 29.84 20.21
C THR A 590 60.06 29.89 18.74
N SER A 591 61.28 29.44 18.44
CA SER A 591 61.92 29.64 17.15
C SER A 591 63.04 28.61 16.99
N GLY A 592 63.43 28.37 15.75
CA GLY A 592 64.38 27.31 15.51
C GLY A 592 63.89 25.91 15.80
N LEU A 593 62.57 25.72 15.88
CA LEU A 593 61.98 24.42 16.22
C LEU A 593 62.13 23.43 15.05
N CYS A 594 61.52 22.26 15.20
CA CYS A 594 61.66 21.17 14.24
C CYS A 594 60.28 20.75 13.75
N PHE A 595 60.05 20.88 12.45
CA PHE A 595 58.75 20.57 11.89
C PHE A 595 58.51 19.07 11.88
N ALA A 596 57.31 18.67 12.32
CA ALA A 596 56.93 17.26 12.32
C ALA A 596 56.15 16.92 11.06
N GLY A 597 55.01 17.57 10.87
CA GLY A 597 54.17 17.31 9.72
C GLY A 597 52.94 18.19 9.77
N LEU A 598 52.08 17.97 8.77
CA LEU A 598 50.79 18.59 8.63
C LEU A 598 49.72 17.54 8.89
N VAL A 599 48.70 17.89 9.66
CA VAL A 599 47.49 17.06 9.74
C VAL A 599 46.31 17.92 9.27
N SER A 600 45.42 17.34 8.47
CA SER A 600 44.34 18.07 7.84
C SER A 600 43.01 17.36 8.05
N MET A 601 41.95 18.15 8.17
CA MET A 601 40.65 17.66 8.61
C MET A 601 39.53 18.08 7.65
N ILE A 602 38.41 17.37 7.68
CA ILE A 602 37.29 17.61 6.76
C ILE A 602 36.03 17.08 7.39
N ASP A 603 34.87 17.49 6.87
CA ASP A 603 33.60 16.86 7.20
C ASP A 603 33.34 15.74 6.20
N PRO A 604 33.47 14.48 6.60
CA PRO A 604 33.70 13.40 5.61
C PRO A 604 32.45 12.57 5.35
N PRO A 605 32.35 11.94 4.18
CA PRO A 605 31.16 11.15 3.88
C PRO A 605 30.88 10.11 4.95
N ARG A 606 29.60 9.77 5.10
CA ARG A 606 29.19 8.60 5.87
C ARG A 606 29.60 7.33 5.16
N ALA A 607 29.98 6.32 5.94
CA ALA A 607 30.69 5.16 5.41
C ALA A 607 29.97 4.56 4.21
N THR A 608 28.67 4.26 4.35
CA THR A 608 27.92 3.58 3.29
C THR A 608 27.45 4.52 2.17
N VAL A 609 27.73 5.82 2.28
CA VAL A 609 27.16 6.79 1.33
C VAL A 609 27.78 6.61 -0.06
N PRO A 610 29.11 6.60 -0.22
CA PRO A 610 29.64 6.53 -1.60
C PRO A 610 29.08 5.33 -2.35
N ASP A 611 29.00 4.19 -1.68
CA ASP A 611 28.46 3.03 -2.36
C ASP A 611 26.97 3.23 -2.69
N ALA A 612 26.19 3.78 -1.75
CA ALA A 612 24.78 4.03 -2.03
C ALA A 612 24.59 4.89 -3.29
N VAL A 613 25.33 6.01 -3.39
CA VAL A 613 25.27 6.83 -4.61
C VAL A 613 25.61 6.00 -5.84
N LEU A 614 26.63 5.16 -5.72
CA LEU A 614 27.01 4.31 -6.84
C LEU A 614 25.82 3.49 -7.34
N LYS A 615 25.09 2.83 -6.43
CA LYS A 615 24.02 1.94 -6.86
C LYS A 615 22.83 2.71 -7.41
N CYS A 616 22.49 3.84 -6.80
CA CYS A 616 21.40 4.64 -7.37
C CYS A 616 21.69 5.02 -8.81
N ARG A 617 22.95 5.38 -9.12
CA ARG A 617 23.27 5.73 -10.50
C ARG A 617 23.35 4.49 -11.40
N THR A 618 23.86 3.36 -10.87
CA THR A 618 23.77 2.10 -11.59
C THR A 618 22.33 1.86 -12.04
N ALA A 619 21.38 2.23 -11.19
CA ALA A 619 19.94 2.07 -11.43
C ALA A 619 19.33 3.31 -12.08
N GLY A 620 20.05 4.00 -12.96
CA GLY A 620 19.49 5.11 -13.71
C GLY A 620 18.97 6.36 -12.99
N ILE A 621 19.31 6.56 -11.71
CA ILE A 621 18.81 7.67 -10.90
C ILE A 621 19.84 8.80 -10.86
N ARG A 622 19.48 9.97 -11.40
CA ARG A 622 20.35 11.13 -11.32
C ARG A 622 20.48 11.60 -9.87
N VAL A 623 21.70 11.68 -9.35
CA VAL A 623 21.92 12.27 -8.04
C VAL A 623 22.39 13.70 -8.24
N ILE A 624 21.76 14.63 -7.53
CA ILE A 624 22.15 16.02 -7.53
C ILE A 624 22.44 16.39 -6.08
N MET A 625 23.59 17.03 -5.88
CA MET A 625 23.84 17.70 -4.63
C MET A 625 23.05 19.00 -4.61
N VAL A 626 22.35 19.24 -3.54
CA VAL A 626 21.81 20.54 -3.26
C VAL A 626 22.22 20.85 -1.82
N THR A 627 23.30 21.64 -1.68
CA THR A 627 23.93 21.93 -0.40
C THR A 627 24.11 23.42 -0.20
N GLY A 628 23.86 23.87 1.03
CA GLY A 628 24.07 25.25 1.38
C GLY A 628 25.51 25.62 1.60
N ASP A 629 26.41 24.64 1.55
CA ASP A 629 27.80 24.83 1.90
C ASP A 629 28.56 25.49 0.74
N HIS A 630 29.81 25.87 0.99
CA HIS A 630 30.59 26.65 0.03
C HIS A 630 31.09 25.76 -1.12
N PRO A 631 31.20 26.29 -2.34
CA PRO A 631 31.43 25.43 -3.51
C PRO A 631 32.60 24.45 -3.38
N ILE A 632 33.71 24.85 -2.77
CA ILE A 632 34.92 24.02 -2.82
C ILE A 632 34.73 22.74 -2.01
N THR A 633 34.23 22.86 -0.78
CA THR A 633 33.86 21.68 0.00
C THR A 633 32.79 20.87 -0.73
N ALA A 634 31.76 21.55 -1.22
CA ALA A 634 30.68 20.87 -1.91
C ALA A 634 31.24 19.98 -3.01
N LYS A 635 32.18 20.51 -3.78
CA LYS A 635 32.72 19.78 -4.92
C LYS A 635 33.66 18.67 -4.47
N ALA A 636 34.40 18.89 -3.38
CA ALA A 636 35.22 17.81 -2.85
C ALA A 636 34.36 16.61 -2.52
N ILE A 637 33.36 16.79 -1.65
CA ILE A 637 32.53 15.65 -1.27
C ILE A 637 31.79 15.08 -2.48
N ALA A 638 31.39 15.93 -3.42
CA ALA A 638 30.74 15.43 -4.62
C ALA A 638 31.68 14.54 -5.45
N ALA A 639 32.98 14.77 -5.37
CA ALA A 639 33.93 13.78 -5.84
C ALA A 639 33.89 12.54 -4.97
N SER A 640 34.09 12.72 -3.66
CA SER A 640 34.36 11.59 -2.78
C SER A 640 33.24 10.55 -2.79
N VAL A 641 31.98 10.98 -2.95
CA VAL A 641 30.86 10.04 -2.83
C VAL A 641 30.37 9.50 -4.15
N GLY A 642 30.91 9.98 -5.26
CA GLY A 642 30.52 9.47 -6.54
C GLY A 642 29.47 10.27 -7.25
N ILE A 643 29.11 11.45 -6.74
CA ILE A 643 28.24 12.35 -7.49
C ILE A 643 28.93 12.87 -8.74
N ILE A 644 30.20 13.27 -8.62
CA ILE A 644 31.09 13.67 -9.72
C ILE A 644 32.10 12.55 -9.93
N SER A 645 32.03 11.88 -11.09
CA SER A 645 32.78 10.65 -11.30
C SER A 645 34.28 10.91 -11.42
N GLU A 646 35.08 9.94 -10.95
CA GLU A 646 36.52 10.03 -11.07
C GLU A 646 36.92 10.28 -12.52
N GLY A 647 37.34 11.50 -12.83
CA GLY A 647 37.78 11.83 -14.18
C GLY A 647 36.91 12.82 -14.93
N SER A 648 35.71 13.16 -14.45
CA SER A 648 34.95 14.21 -15.12
C SER A 648 35.43 15.58 -14.67
N GLU A 649 34.97 16.64 -15.36
CA GLU A 649 35.45 17.97 -15.00
C GLU A 649 34.44 19.04 -15.39
N THR A 650 34.49 20.18 -14.67
CA THR A 650 33.71 21.38 -14.89
C THR A 650 34.29 22.20 -16.05
N VAL A 651 33.56 23.24 -16.47
CA VAL A 651 34.08 24.12 -17.52
C VAL A 651 35.24 24.98 -16.98
N GLU A 652 35.23 25.29 -15.67
CA GLU A 652 36.34 26.00 -15.06
C GLU A 652 37.57 25.10 -14.95
N ASP A 653 37.37 23.79 -14.74
CA ASP A 653 38.51 22.87 -14.77
C ASP A 653 39.09 22.76 -16.17
N ILE A 654 38.24 22.71 -17.20
CA ILE A 654 38.76 22.61 -18.56
C ILE A 654 39.59 23.84 -18.90
N ALA A 655 39.04 25.03 -18.66
CA ALA A 655 39.84 26.24 -18.86
C ALA A 655 41.14 26.17 -18.07
N ALA A 656 41.09 25.66 -16.84
CA ALA A 656 42.27 25.70 -15.98
C ALA A 656 43.37 24.76 -16.45
N ARG A 657 43.01 23.62 -17.05
CA ARG A 657 44.01 22.68 -17.54
C ARG A 657 44.49 23.08 -18.93
N LEU A 658 43.57 23.37 -19.85
CA LEU A 658 43.94 23.81 -21.20
C LEU A 658 44.61 25.18 -21.25
N ARG A 659 44.49 25.99 -20.19
CA ARG A 659 44.92 27.39 -20.15
C ARG A 659 44.24 28.18 -21.28
N VAL A 660 42.94 28.36 -21.09
CA VAL A 660 42.07 29.16 -21.98
C VAL A 660 41.12 29.96 -21.11
N PRO A 661 40.53 31.04 -21.65
CA PRO A 661 39.41 31.67 -20.93
C PRO A 661 38.19 30.75 -20.92
N VAL A 662 37.39 30.87 -19.85
CA VAL A 662 36.20 30.03 -19.75
C VAL A 662 35.18 30.41 -20.80
N ASP A 663 35.32 31.60 -21.42
CA ASP A 663 34.49 31.93 -22.57
C ASP A 663 34.68 30.94 -23.71
N GLN A 664 35.88 30.41 -23.87
CA GLN A 664 36.17 29.53 -24.99
C GLN A 664 35.83 28.07 -24.71
N VAL A 665 35.52 27.69 -23.47
CA VAL A 665 35.31 26.28 -23.18
C VAL A 665 33.99 25.82 -23.78
N ASN A 666 34.01 24.66 -24.41
CA ASN A 666 32.79 24.07 -24.96
C ASN A 666 32.05 23.36 -23.82
N ARG A 667 30.88 23.90 -23.44
CA ARG A 667 30.19 23.40 -22.25
C ARG A 667 29.79 21.94 -22.39
N LYS A 668 29.58 21.46 -23.62
CA LYS A 668 29.19 20.06 -23.82
C LYS A 668 30.23 19.09 -23.29
N ASP A 669 31.50 19.52 -23.22
CA ASP A 669 32.57 18.62 -22.81
C ASP A 669 32.62 18.44 -21.29
N ALA A 670 31.95 19.29 -20.51
CA ALA A 670 32.10 19.30 -19.05
C ALA A 670 30.95 18.52 -18.43
N ARG A 671 31.22 17.28 -18.06
CA ARG A 671 30.22 16.39 -17.49
C ARG A 671 29.80 16.83 -16.08
N ALA A 672 30.65 17.55 -15.36
CA ALA A 672 30.28 18.03 -14.04
C ALA A 672 30.03 19.53 -14.08
N CYS A 673 29.35 20.03 -13.05
CA CYS A 673 29.06 21.45 -12.95
C CYS A 673 28.81 21.80 -11.49
N VAL A 674 29.40 22.87 -11.01
CA VAL A 674 29.03 23.43 -9.72
C VAL A 674 28.46 24.81 -9.95
N ILE A 675 27.32 25.08 -9.31
CA ILE A 675 26.64 26.37 -9.38
C ILE A 675 26.31 26.79 -7.97
N ASN A 676 26.79 27.96 -7.56
CA ASN A 676 26.39 28.46 -6.25
C ASN A 676 25.07 29.20 -6.35
N GLY A 677 24.52 29.55 -5.18
CA GLY A 677 23.24 30.22 -5.14
C GLY A 677 23.23 31.56 -5.83
N MET A 678 24.37 32.24 -5.87
CA MET A 678 24.41 33.57 -6.45
C MET A 678 24.15 33.52 -7.95
N GLN A 679 24.89 32.69 -8.67
CA GLN A 679 24.65 32.53 -10.10
C GLN A 679 23.25 31.98 -10.35
N LEU A 680 22.75 31.12 -9.45
CA LEU A 680 21.41 30.56 -9.62
C LEU A 680 20.33 31.63 -9.45
N LYS A 681 20.66 32.73 -8.75
CA LYS A 681 19.72 33.86 -8.63
C LYS A 681 19.55 34.58 -9.96
N ASP A 682 20.63 34.75 -10.72
CA ASP A 682 20.60 35.43 -12.02
C ASP A 682 20.50 34.42 -13.16
N MET A 683 19.52 33.52 -13.07
CA MET A 683 19.29 32.50 -14.06
C MET A 683 17.81 32.44 -14.39
N ASP A 684 17.49 32.53 -15.68
CA ASP A 684 16.14 32.23 -16.12
C ASP A 684 15.87 30.75 -15.84
N PRO A 685 14.62 30.36 -15.64
CA PRO A 685 14.35 28.92 -15.51
C PRO A 685 14.85 28.16 -16.73
N SER A 686 14.82 28.80 -17.90
CA SER A 686 15.32 28.16 -19.11
C SER A 686 16.83 27.91 -19.04
N GLU A 687 17.57 28.83 -18.41
CA GLU A 687 19.00 28.60 -18.20
C GLU A 687 19.23 27.45 -17.21
N LEU A 688 18.37 27.35 -16.19
CA LEU A 688 18.49 26.22 -15.28
C LEU A 688 18.24 24.91 -16.01
N VAL A 689 17.22 24.89 -16.88
CA VAL A 689 16.94 23.67 -17.64
C VAL A 689 18.06 23.38 -18.62
N GLU A 690 18.66 24.43 -19.22
CA GLU A 690 19.82 24.20 -20.09
C GLU A 690 20.97 23.58 -19.32
N ALA A 691 21.21 24.06 -18.08
CA ALA A 691 22.31 23.53 -17.27
C ALA A 691 22.04 22.10 -16.80
N LEU A 692 20.79 21.80 -16.42
CA LEU A 692 20.45 20.46 -15.95
C LEU A 692 20.49 19.46 -17.10
N ARG A 693 20.09 19.92 -18.28
CA ARG A 693 20.09 19.05 -19.45
C ARG A 693 21.49 18.84 -19.96
N THR A 694 22.38 19.84 -19.80
CA THR A 694 23.71 19.82 -20.41
C THR A 694 24.77 19.13 -19.57
N HIS A 695 24.71 19.27 -18.23
CA HIS A 695 25.75 18.81 -17.32
C HIS A 695 25.22 17.68 -16.43
N PRO A 696 25.49 16.42 -16.79
CA PRO A 696 24.92 15.27 -16.05
C PRO A 696 25.12 15.29 -14.55
N GLU A 697 26.28 15.67 -14.06
CA GLU A 697 26.59 15.54 -12.63
C GLU A 697 26.57 16.94 -12.03
N MET A 698 25.43 17.32 -11.46
CA MET A 698 25.20 18.69 -11.04
C MET A 698 25.42 18.83 -9.54
N VAL A 699 26.10 19.91 -9.16
CA VAL A 699 26.29 20.27 -7.75
C VAL A 699 25.83 21.72 -7.57
N PHE A 700 24.88 21.93 -6.67
CA PHE A 700 24.44 23.27 -6.29
C PHE A 700 25.01 23.58 -4.91
N ALA A 701 25.85 24.61 -4.84
CA ALA A 701 26.40 25.11 -3.59
C ALA A 701 25.73 26.42 -3.17
N ARG A 702 25.88 26.73 -1.87
CA ARG A 702 25.40 27.99 -1.28
C ARG A 702 23.94 28.24 -1.60
N THR A 703 23.13 27.21 -1.39
CA THR A 703 21.76 27.12 -1.83
C THR A 703 20.83 27.34 -0.65
N SER A 704 19.99 28.37 -0.74
CA SER A 704 19.08 28.72 0.35
C SER A 704 18.01 27.66 0.50
N PRO A 705 17.24 27.66 1.59
CA PRO A 705 16.12 26.70 1.65
C PRO A 705 15.23 26.78 0.43
N GLN A 706 14.84 28.00 0.05
CA GLN A 706 13.94 28.18 -1.08
C GLN A 706 14.56 27.72 -2.39
N GLN A 707 15.87 27.85 -2.53
CA GLN A 707 16.51 27.38 -3.75
C GLN A 707 16.54 25.86 -3.86
N LYS A 708 16.66 25.15 -2.74
CA LYS A 708 16.49 23.71 -2.79
C LYS A 708 15.10 23.37 -3.29
N LEU A 709 14.09 24.01 -2.71
CA LEU A 709 12.72 23.77 -3.17
C LEU A 709 12.55 24.10 -4.66
N VAL A 710 13.28 25.09 -5.16
CA VAL A 710 13.16 25.47 -6.56
C VAL A 710 13.86 24.46 -7.48
N ILE A 711 14.94 23.82 -7.02
CA ILE A 711 15.58 22.79 -7.84
C ILE A 711 14.71 21.54 -7.88
N VAL A 712 14.18 21.14 -6.74
CA VAL A 712 13.14 20.12 -6.73
C VAL A 712 12.05 20.46 -7.75
N GLU A 713 11.53 21.69 -7.69
CA GLU A 713 10.43 22.06 -8.60
C GLU A 713 10.87 21.98 -10.07
N SER A 714 12.09 22.40 -10.38
CA SER A 714 12.48 22.43 -11.79
C SER A 714 12.58 21.03 -12.36
N CYS A 715 13.15 20.08 -11.59
CA CYS A 715 13.15 18.69 -12.00
C CYS A 715 11.72 18.16 -12.12
N GLN A 716 10.94 18.27 -11.05
CA GLN A 716 9.56 17.81 -11.07
C GLN A 716 8.88 18.28 -12.35
N ARG A 717 8.85 19.59 -12.57
CA ARG A 717 8.27 20.15 -13.79
C ARG A 717 8.88 19.55 -15.04
N LEU A 718 10.16 19.19 -15.00
CA LEU A 718 10.73 18.55 -16.19
C LEU A 718 10.30 17.09 -16.32
N GLY A 719 9.49 16.58 -15.40
CA GLY A 719 8.97 15.23 -15.51
C GLY A 719 9.56 14.27 -14.51
N ALA A 720 10.51 14.71 -13.72
CA ALA A 720 11.16 13.83 -12.75
C ALA A 720 10.21 13.49 -11.63
N ILE A 721 10.38 12.32 -11.08
CA ILE A 721 9.93 12.01 -9.72
C ILE A 721 11.13 12.19 -8.81
N VAL A 722 10.99 13.04 -7.78
CA VAL A 722 12.15 13.53 -7.02
C VAL A 722 12.09 13.03 -5.58
N ALA A 723 13.22 12.51 -5.13
CA ALA A 723 13.42 12.16 -3.74
C ALA A 723 14.43 13.13 -3.18
N VAL A 724 14.19 13.64 -1.99
CA VAL A 724 15.25 14.45 -1.42
C VAL A 724 15.61 13.85 -0.07
N THR A 725 16.90 13.94 0.26
CA THR A 725 17.43 13.38 1.50
C THR A 725 17.96 14.55 2.30
N GLY A 726 17.61 14.63 3.57
CA GLY A 726 18.08 15.76 4.32
C GLY A 726 18.31 15.76 5.78
N ASP A 727 19.34 16.48 6.20
CA ASP A 727 19.68 16.66 7.59
C ASP A 727 18.77 17.53 8.40
N GLY A 728 18.71 18.77 8.02
CA GLY A 728 18.06 19.76 8.82
C GLY A 728 17.06 20.70 8.31
N VAL A 729 16.88 21.76 9.05
CA VAL A 729 15.88 22.77 8.82
C VAL A 729 15.93 23.39 7.46
N ASN A 730 17.14 23.64 6.96
CA ASN A 730 17.34 24.24 5.65
C ASN A 730 16.81 23.39 4.50
N ASP A 731 16.99 22.07 4.61
CA ASP A 731 16.53 21.14 3.59
C ASP A 731 15.10 20.67 3.82
N SER A 732 14.48 21.15 4.89
CA SER A 732 13.11 20.76 5.23
C SER A 732 12.09 21.15 4.16
N PRO A 733 12.23 22.36 3.59
CA PRO A 733 11.29 22.82 2.56
C PRO A 733 11.33 21.93 1.32
N ALA A 734 12.53 21.52 0.90
CA ALA A 734 12.66 20.65 -0.26
C ALA A 734 11.98 19.32 0.05
N LEU A 735 12.18 18.87 1.29
CA LEU A 735 11.60 17.65 1.77
C LEU A 735 10.10 17.55 1.61
N LYS A 736 9.35 18.61 1.81
CA LYS A 736 7.92 18.59 1.61
C LYS A 736 7.47 18.55 0.16
N LYS A 737 8.01 19.41 -0.68
CA LYS A 737 7.70 19.43 -2.10
C LYS A 737 8.15 18.16 -2.81
N ALA A 738 8.94 17.32 -2.17
CA ALA A 738 9.46 16.12 -2.81
C ALA A 738 8.35 15.08 -3.00
N ASP A 739 8.47 14.31 -4.09
CA ASP A 739 7.69 13.08 -4.23
C ASP A 739 7.96 12.12 -3.07
N ILE A 740 9.20 12.02 -2.62
CA ILE A 740 9.46 11.37 -1.34
C ILE A 740 10.56 12.12 -0.61
N GLY A 741 10.26 12.49 0.63
CA GLY A 741 11.19 13.15 1.50
C GLY A 741 11.74 12.14 2.48
N VAL A 742 13.06 12.03 2.51
CA VAL A 742 13.78 11.13 3.39
C VAL A 742 14.59 11.98 4.36
N ALA A 743 14.31 11.83 5.65
CA ALA A 743 15.06 12.54 6.67
C ALA A 743 15.99 11.58 7.38
N MET A 744 17.09 12.11 7.85
CA MET A 744 17.97 11.32 8.71
C MET A 744 17.41 11.28 10.12
N GLY A 745 17.30 10.08 10.70
CA GLY A 745 16.62 9.94 11.99
C GLY A 745 17.35 10.61 13.14
N ILE A 746 18.67 10.43 13.23
CA ILE A 746 19.49 10.90 14.34
C ILE A 746 19.98 12.33 14.08
N ALA A 747 20.71 12.51 12.99
CA ALA A 747 21.19 13.83 12.61
C ALA A 747 20.05 14.83 12.36
N GLY A 748 18.83 14.35 12.15
CA GLY A 748 17.80 15.18 11.55
C GLY A 748 17.08 16.12 12.52
N SER A 749 16.69 17.28 12.00
CA SER A 749 15.91 18.26 12.74
C SER A 749 14.45 17.86 12.80
N ASP A 750 13.77 18.29 13.88
CA ASP A 750 12.34 18.01 13.98
C ASP A 750 11.61 18.54 12.76
N ALA A 751 12.06 19.68 12.21
CA ALA A 751 11.48 20.23 11.01
C ALA A 751 11.65 19.30 9.80
N ALA A 752 12.89 18.87 9.54
CA ALA A 752 13.16 17.87 8.52
C ALA A 752 12.29 16.64 8.69
N LYS A 753 12.44 15.95 9.83
CA LYS A 753 11.69 14.72 10.09
C LYS A 753 10.18 14.92 9.88
N ASN A 754 9.65 16.07 10.33
CA ASN A 754 8.22 16.33 10.19
C ASN A 754 7.84 16.46 8.72
N ALA A 755 8.69 17.12 7.93
CA ALA A 755 8.39 17.25 6.50
C ALA A 755 8.49 15.91 5.79
N ALA A 756 9.44 15.07 6.21
CA ALA A 756 9.78 13.85 5.49
C ALA A 756 8.65 12.83 5.52
N ASP A 757 8.58 12.03 4.45
CA ASP A 757 7.72 10.85 4.46
C ASP A 757 8.39 9.64 5.07
N MET A 758 9.71 9.65 5.19
CA MET A 758 10.38 8.45 5.66
C MET A 758 11.62 8.82 6.49
N ILE A 759 11.87 8.03 7.53
CA ILE A 759 12.91 8.32 8.51
C ILE A 759 13.91 7.17 8.49
N LEU A 760 15.17 7.48 8.24
CA LEU A 760 16.23 6.47 8.41
C LEU A 760 16.63 6.50 9.87
N LEU A 761 16.02 5.60 10.65
CA LEU A 761 16.21 5.61 12.10
C LEU A 761 17.68 5.57 12.50
N ASP A 762 18.55 4.98 11.69
CA ASP A 762 19.97 4.85 12.04
C ASP A 762 20.89 5.61 11.08
N ASP A 763 20.35 6.51 10.28
CA ASP A 763 21.12 7.36 9.38
C ASP A 763 21.91 6.57 8.36
N ASN A 764 21.51 5.33 8.08
CA ASN A 764 22.20 4.51 7.10
C ASN A 764 21.74 4.91 5.70
N PHE A 765 22.55 5.70 5.01
CA PHE A 765 22.15 6.17 3.69
C PHE A 765 21.89 5.02 2.71
N ALA A 766 22.53 3.86 2.90
CA ALA A 766 22.24 2.72 2.03
C ALA A 766 20.78 2.25 2.11
N SER A 767 20.04 2.57 3.18
CA SER A 767 18.60 2.27 3.19
C SER A 767 17.98 2.75 1.90
N ILE A 768 18.41 3.91 1.40
CA ILE A 768 17.88 4.47 0.15
C ILE A 768 17.84 3.40 -0.95
N VAL A 769 18.95 2.66 -1.14
CA VAL A 769 18.96 1.69 -2.23
C VAL A 769 17.94 0.59 -1.98
N THR A 770 17.83 0.11 -0.73
CA THR A 770 16.75 -0.84 -0.38
C THR A 770 15.38 -0.26 -0.73
N GLY A 771 15.18 1.03 -0.45
CA GLY A 771 13.96 1.70 -0.87
C GLY A 771 13.74 1.61 -2.36
N VAL A 772 14.79 1.84 -3.15
CA VAL A 772 14.63 1.68 -4.59
C VAL A 772 14.20 0.26 -4.92
N GLU A 773 14.82 -0.75 -4.27
CA GLU A 773 14.54 -2.14 -4.65
C GLU A 773 13.12 -2.55 -4.26
N GLN A 774 12.73 -2.21 -3.03
CA GLN A 774 11.42 -2.61 -2.55
C GLN A 774 10.31 -1.86 -3.25
N GLY A 775 10.57 -0.63 -3.68
CA GLY A 775 9.59 0.04 -4.50
C GLY A 775 9.57 -0.41 -5.95
N ARG A 776 10.58 -1.12 -6.39
CA ARG A 776 10.48 -1.65 -7.74
C ARG A 776 9.86 -3.03 -7.74
N LEU A 777 9.99 -3.76 -6.63
CA LEU A 777 9.32 -5.04 -6.55
C LEU A 777 7.82 -4.84 -6.39
N ILE A 778 7.44 -4.20 -5.28
CA ILE A 778 6.06 -3.97 -4.87
C ILE A 778 5.25 -3.28 -5.95
N PHE A 779 5.91 -2.59 -6.88
CA PHE A 779 5.17 -2.08 -8.04
C PHE A 779 4.89 -3.20 -9.03
N ASP A 780 5.95 -3.83 -9.57
CA ASP A 780 5.76 -4.99 -10.46
C ASP A 780 4.84 -6.04 -9.85
N ASN A 781 4.96 -6.30 -8.55
CA ASN A 781 4.12 -7.31 -7.93
C ASN A 781 2.67 -6.85 -7.80
N LEU A 782 2.44 -5.54 -7.58
CA LEU A 782 1.07 -5.07 -7.51
C LEU A 782 0.41 -5.19 -8.86
N LYS A 783 1.12 -4.78 -9.91
CA LYS A 783 0.66 -5.06 -11.28
C LYS A 783 0.29 -6.52 -11.47
N LYS A 784 0.92 -7.43 -10.73
CA LYS A 784 0.49 -8.82 -10.76
C LYS A 784 -0.77 -9.03 -9.93
N SER A 785 -0.73 -8.66 -8.64
CA SER A 785 -1.86 -8.90 -7.75
C SER A 785 -3.14 -8.27 -8.28
N ILE A 786 -3.04 -7.07 -8.89
CA ILE A 786 -4.24 -6.45 -9.45
C ILE A 786 -4.75 -7.26 -10.64
N ALA A 787 -3.83 -7.62 -11.55
CA ALA A 787 -4.22 -8.36 -12.75
C ALA A 787 -5.00 -9.61 -12.39
N TYR A 788 -4.58 -10.27 -11.31
CA TYR A 788 -5.30 -11.43 -10.80
C TYR A 788 -6.68 -11.02 -10.29
N THR A 789 -6.71 -10.04 -9.37
CA THR A 789 -7.97 -9.64 -8.73
C THR A 789 -8.98 -9.11 -9.74
N LEU A 790 -8.52 -8.37 -10.77
CA LEU A 790 -9.47 -7.87 -11.76
C LEU A 790 -10.02 -8.97 -12.65
N THR A 791 -9.27 -10.05 -12.87
CA THR A 791 -9.73 -11.02 -13.86
C THR A 791 -10.97 -11.81 -13.40
N LYS A 792 -11.19 -11.99 -12.11
CA LYS A 792 -12.43 -12.65 -11.71
C LYS A 792 -13.65 -11.78 -11.96
N ASN A 793 -13.49 -10.50 -12.31
CA ASN A 793 -14.69 -9.66 -12.34
C ASN A 793 -15.51 -9.89 -13.60
N ILE A 794 -14.93 -10.41 -14.67
CA ILE A 794 -15.74 -10.72 -15.84
C ILE A 794 -16.52 -12.02 -15.67
N PRO A 795 -15.94 -13.10 -15.15
CA PRO A 795 -16.76 -14.30 -14.87
C PRO A 795 -17.76 -14.08 -13.77
N GLU A 796 -17.65 -13.03 -13.01
CA GLU A 796 -18.59 -12.77 -11.96
C GLU A 796 -19.76 -12.00 -12.52
N LEU A 797 -19.59 -11.43 -13.70
CA LEU A 797 -20.57 -10.54 -14.30
C LEU A 797 -21.27 -11.14 -15.50
N THR A 798 -20.56 -11.84 -16.39
CA THR A 798 -21.24 -12.47 -17.52
C THR A 798 -22.44 -13.32 -17.10
N PRO A 799 -22.47 -14.04 -15.95
CA PRO A 799 -23.72 -14.69 -15.55
C PRO A 799 -24.86 -13.70 -15.49
N TYR A 800 -24.70 -12.59 -14.79
CA TYR A 800 -25.80 -11.63 -14.69
C TYR A 800 -26.13 -11.02 -16.05
N LEU A 801 -25.12 -10.73 -16.89
CA LEU A 801 -25.44 -10.26 -18.24
C LEU A 801 -26.32 -11.28 -19.00
N ILE A 802 -26.07 -12.57 -18.81
CA ILE A 802 -26.85 -13.58 -19.54
C ILE A 802 -28.23 -13.75 -18.92
N TYR A 803 -28.27 -13.98 -17.60
CA TYR A 803 -29.45 -14.01 -16.74
C TYR A 803 -30.41 -12.87 -17.02
N ILE A 804 -29.90 -11.70 -17.38
CA ILE A 804 -30.77 -10.65 -17.90
C ILE A 804 -31.13 -10.91 -19.36
N THR A 805 -30.15 -10.89 -20.27
CA THR A 805 -30.44 -10.83 -21.70
C THR A 805 -30.97 -12.15 -22.26
N VAL A 806 -30.79 -13.26 -21.56
CA VAL A 806 -31.29 -14.56 -22.02
C VAL A 806 -32.37 -15.13 -21.08
N SER A 807 -32.41 -14.70 -19.81
CA SER A 807 -33.43 -15.13 -18.85
C SER A 807 -33.29 -16.60 -18.51
N VAL A 808 -32.05 -17.07 -18.58
CA VAL A 808 -31.56 -18.29 -17.97
C VAL A 808 -31.73 -18.22 -16.45
N PRO A 809 -31.90 -19.34 -15.72
CA PRO A 809 -31.80 -19.27 -14.24
C PRO A 809 -30.46 -18.68 -13.82
N LEU A 810 -30.45 -18.05 -12.66
CA LEU A 810 -29.29 -17.25 -12.24
C LEU A 810 -28.06 -18.12 -12.01
N PRO A 811 -27.01 -17.98 -12.83
CA PRO A 811 -25.87 -18.90 -12.69
C PRO A 811 -25.08 -18.70 -11.42
N LEU A 812 -24.87 -17.45 -10.99
CA LEU A 812 -23.96 -17.12 -9.89
C LEU A 812 -24.61 -16.07 -8.99
N GLY A 813 -24.54 -16.30 -7.68
CA GLY A 813 -25.22 -15.43 -6.74
C GLY A 813 -24.34 -14.33 -6.21
N CYS A 814 -24.98 -13.33 -5.61
CA CYS A 814 -24.22 -12.30 -4.89
C CYS A 814 -23.53 -12.89 -3.67
N ILE A 815 -24.26 -13.62 -2.84
CA ILE A 815 -23.71 -14.15 -1.60
C ILE A 815 -22.45 -14.96 -1.84
N THR A 816 -22.26 -15.49 -3.05
CA THR A 816 -21.06 -16.27 -3.34
C THR A 816 -19.98 -15.46 -4.05
N ILE A 817 -20.38 -14.49 -4.87
CA ILE A 817 -19.43 -13.53 -5.42
C ILE A 817 -18.66 -12.86 -4.29
N LEU A 818 -19.34 -12.55 -3.20
CA LEU A 818 -18.64 -12.05 -2.01
C LEU A 818 -17.63 -13.06 -1.49
N PHE A 819 -17.96 -14.31 -1.44
CA PHE A 819 -16.97 -15.22 -0.96
C PHE A 819 -15.76 -15.23 -1.88
N ILE A 820 -15.93 -15.15 -3.18
CA ILE A 820 -14.77 -15.14 -4.04
C ILE A 820 -13.96 -13.90 -3.80
N GLU A 821 -14.57 -12.74 -3.96
CA GLU A 821 -13.89 -11.46 -3.77
C GLU A 821 -13.20 -11.25 -2.42
N LEU A 822 -13.84 -11.64 -1.32
CA LEU A 822 -13.27 -11.43 -0.01
C LEU A 822 -12.79 -12.62 0.78
N CYS A 823 -12.77 -13.82 0.23
CA CYS A 823 -12.35 -14.95 1.04
C CYS A 823 -11.39 -15.91 0.37
N THR A 824 -11.85 -16.55 -0.68
CA THR A 824 -11.09 -17.50 -1.46
C THR A 824 -9.91 -16.98 -2.26
N ASP A 825 -9.99 -15.79 -2.79
CA ASP A 825 -8.93 -15.29 -3.64
C ASP A 825 -8.04 -14.25 -2.95
N ILE A 826 -8.35 -13.86 -1.71
CA ILE A 826 -7.58 -12.85 -0.98
C ILE A 826 -6.14 -13.33 -0.77
N PHE A 827 -5.99 -14.49 -0.13
CA PHE A 827 -4.65 -14.98 0.19
C PHE A 827 -3.80 -15.29 -1.04
N PRO A 828 -4.32 -15.88 -2.12
CA PRO A 828 -3.55 -15.91 -3.38
C PRO A 828 -3.05 -14.54 -3.83
N SER A 829 -3.97 -13.57 -3.96
CA SER A 829 -3.62 -12.26 -4.51
C SER A 829 -2.62 -11.53 -3.62
N VAL A 830 -2.70 -11.71 -2.30
CA VAL A 830 -1.67 -11.14 -1.44
C VAL A 830 -0.36 -11.90 -1.62
N SER A 831 -0.42 -13.22 -1.84
CA SER A 831 0.80 -13.99 -1.99
C SER A 831 1.64 -13.48 -3.16
N LEU A 832 0.99 -13.05 -4.25
CA LEU A 832 1.77 -12.42 -5.33
C LEU A 832 2.73 -11.33 -4.84
N ALA A 833 2.53 -10.76 -3.65
CA ALA A 833 3.46 -9.74 -3.18
C ALA A 833 4.86 -10.30 -3.06
N TYR A 834 4.98 -11.59 -2.73
CA TYR A 834 6.25 -12.24 -2.42
C TYR A 834 7.03 -12.68 -3.64
N GLU A 835 6.57 -12.39 -4.86
CA GLU A 835 7.31 -12.77 -6.05
C GLU A 835 8.69 -12.11 -6.07
N LYS A 836 9.72 -12.90 -6.37
CA LYS A 836 11.02 -12.31 -6.65
C LYS A 836 10.99 -11.65 -8.02
N ALA A 837 12.08 -10.97 -8.34
CA ALA A 837 12.17 -10.18 -9.56
C ALA A 837 12.40 -11.08 -10.78
N GLU A 838 12.14 -10.51 -11.96
CA GLU A 838 12.29 -11.23 -13.22
C GLU A 838 13.38 -10.62 -14.09
N SER A 839 14.33 -9.95 -13.46
CA SER A 839 15.39 -9.25 -14.17
C SER A 839 16.39 -8.79 -13.12
N ASP A 840 17.47 -8.17 -13.58
CA ASP A 840 18.39 -7.48 -12.67
C ASP A 840 17.75 -6.13 -12.35
N ILE A 841 16.88 -6.13 -11.33
CA ILE A 841 15.95 -5.01 -11.13
C ILE A 841 16.74 -3.72 -10.87
N MET A 842 17.84 -3.80 -10.16
CA MET A 842 18.61 -2.61 -9.83
C MET A 842 19.56 -2.19 -10.95
N HIS A 843 19.46 -2.76 -12.14
CA HIS A 843 20.15 -2.25 -13.32
C HIS A 843 19.18 -1.67 -14.34
N LEU A 844 17.89 -1.61 -14.02
CA LEU A 844 16.89 -1.06 -14.91
C LEU A 844 16.72 0.43 -14.66
N ARG A 845 16.52 1.19 -15.73
CA ARG A 845 16.17 2.60 -15.61
C ARG A 845 14.91 2.75 -14.75
N PRO A 846 14.72 3.89 -14.10
CA PRO A 846 13.41 4.16 -13.48
C PRO A 846 12.31 4.24 -14.52
N ARG A 847 11.13 3.70 -14.17
CA ARG A 847 10.00 3.64 -15.09
C ARG A 847 9.63 5.03 -15.61
N ASN A 848 9.11 5.07 -16.82
CA ASN A 848 8.59 6.31 -17.40
C ASN A 848 7.18 6.52 -16.87
N PRO A 849 6.91 7.61 -16.15
CA PRO A 849 5.60 7.73 -15.50
C PRO A 849 4.47 7.93 -16.47
N LYS A 850 4.75 8.50 -17.65
CA LYS A 850 3.72 8.76 -18.64
C LYS A 850 3.47 7.59 -19.58
N ARG A 851 4.40 6.64 -19.70
CA ARG A 851 4.18 5.49 -20.57
C ARG A 851 3.84 4.23 -19.79
N ASP A 852 4.67 3.85 -18.83
CA ASP A 852 4.51 2.59 -18.11
C ASP A 852 3.66 2.83 -16.88
N ARG A 853 2.40 2.37 -16.92
CA ARG A 853 1.47 2.56 -15.82
C ARG A 853 1.29 1.25 -15.06
N LEU A 854 0.73 1.38 -13.85
CA LEU A 854 0.29 0.20 -13.11
C LEU A 854 -0.68 -0.64 -13.94
N VAL A 855 -1.74 -0.02 -14.45
CA VAL A 855 -2.73 -0.70 -15.27
C VAL A 855 -2.88 0.07 -16.58
N ASN A 856 -2.52 -0.56 -17.70
CA ASN A 856 -2.76 0.03 -19.00
C ASN A 856 -4.13 -0.42 -19.51
N GLU A 857 -4.58 0.23 -20.58
CA GLU A 857 -5.71 -0.34 -21.31
C GLU A 857 -5.39 -1.71 -21.89
N PRO A 858 -4.21 -1.97 -22.48
CA PRO A 858 -3.86 -3.36 -22.83
C PRO A 858 -3.92 -4.35 -21.67
N LEU A 859 -3.40 -3.99 -20.50
CA LEU A 859 -3.43 -4.95 -19.40
C LEU A 859 -4.87 -5.29 -19.03
N ALA A 860 -5.71 -4.26 -18.85
CA ALA A 860 -7.12 -4.49 -18.54
C ALA A 860 -7.79 -5.33 -19.62
N ALA A 861 -7.80 -4.85 -20.86
CA ALA A 861 -8.36 -5.61 -21.99
C ALA A 861 -7.95 -7.07 -21.95
N TYR A 862 -6.67 -7.35 -21.66
CA TYR A 862 -6.23 -8.74 -21.58
C TYR A 862 -6.92 -9.46 -20.43
N SER A 863 -6.84 -8.90 -19.21
CA SER A 863 -7.30 -9.61 -18.01
C SER A 863 -8.83 -9.78 -18.01
N TYR A 864 -9.56 -8.72 -18.35
CA TYR A 864 -11.00 -8.77 -18.49
C TYR A 864 -11.39 -9.63 -19.67
N PHE A 865 -11.16 -9.14 -20.90
CA PHE A 865 -11.82 -9.68 -22.06
C PHE A 865 -11.01 -10.74 -22.80
N GLN A 866 -10.09 -11.42 -22.13
CA GLN A 866 -9.47 -12.62 -22.70
C GLN A 866 -9.31 -13.67 -21.62
N ILE A 867 -8.64 -13.36 -20.51
CA ILE A 867 -8.58 -14.37 -19.44
C ILE A 867 -9.92 -14.46 -18.73
N GLY A 868 -10.58 -13.31 -18.52
CA GLY A 868 -11.92 -13.32 -17.97
C GLY A 868 -12.92 -14.03 -18.88
N ALA A 869 -12.79 -13.82 -20.20
CA ALA A 869 -13.63 -14.54 -21.16
C ALA A 869 -13.47 -16.03 -21.00
N ILE A 870 -12.23 -16.52 -21.02
CA ILE A 870 -12.02 -17.96 -20.90
C ILE A 870 -12.62 -18.46 -19.60
N GLN A 871 -12.55 -17.65 -18.55
CA GLN A 871 -13.18 -18.07 -17.29
C GLN A 871 -14.70 -18.12 -17.38
N SER A 872 -15.31 -17.21 -18.15
CA SER A 872 -16.76 -17.22 -18.27
C SER A 872 -17.26 -18.38 -19.11
N PHE A 873 -16.59 -18.71 -20.23
CA PHE A 873 -16.99 -19.94 -20.94
C PHE A 873 -16.73 -21.18 -20.09
N ALA A 874 -15.69 -21.18 -19.26
CA ALA A 874 -15.53 -22.26 -18.30
C ALA A 874 -16.76 -22.39 -17.42
N GLY A 875 -17.11 -21.32 -16.69
CA GLY A 875 -18.25 -21.40 -15.79
C GLY A 875 -19.54 -21.78 -16.49
N PHE A 876 -19.76 -21.25 -17.70
CA PHE A 876 -21.01 -21.51 -18.38
C PHE A 876 -21.07 -22.94 -18.88
N THR A 877 -19.94 -23.52 -19.28
CA THR A 877 -19.97 -24.95 -19.61
C THR A 877 -20.29 -25.78 -18.36
N ASP A 878 -19.66 -25.47 -17.23
CA ASP A 878 -20.00 -26.21 -16.01
C ASP A 878 -21.45 -25.96 -15.57
N TYR A 879 -22.02 -24.83 -15.96
CA TYR A 879 -23.41 -24.50 -15.65
C TYR A 879 -24.37 -25.37 -16.45
N PHE A 880 -24.18 -25.42 -17.77
CA PHE A 880 -25.08 -26.19 -18.61
C PHE A 880 -24.88 -27.68 -18.40
N THR A 881 -23.67 -28.12 -18.07
CA THR A 881 -23.50 -29.51 -17.62
C THR A 881 -24.26 -29.76 -16.32
N ALA A 882 -24.06 -28.89 -15.31
CA ALA A 882 -24.73 -29.11 -14.02
C ALA A 882 -26.24 -29.15 -14.16
N MET A 883 -26.80 -28.41 -15.13
CA MET A 883 -28.25 -28.44 -15.25
C MET A 883 -28.73 -29.59 -16.11
N ALA A 884 -28.05 -29.88 -17.22
CA ALA A 884 -28.52 -30.97 -18.07
C ALA A 884 -28.42 -32.29 -17.34
N GLN A 885 -27.35 -32.51 -16.57
CA GLN A 885 -27.26 -33.71 -15.77
C GLN A 885 -28.27 -33.73 -14.63
N GLU A 886 -28.96 -32.64 -14.36
CA GLU A 886 -30.02 -32.64 -13.36
C GLU A 886 -31.43 -32.56 -13.94
N GLY A 887 -31.57 -32.14 -15.20
CA GLY A 887 -32.84 -32.30 -15.86
C GLY A 887 -33.16 -31.22 -16.89
N TRP A 888 -32.35 -30.17 -16.93
CA TRP A 888 -32.70 -29.00 -17.71
C TRP A 888 -31.69 -28.82 -18.85
N PHE A 889 -32.15 -29.07 -20.07
CA PHE A 889 -31.31 -28.92 -21.26
C PHE A 889 -31.11 -27.44 -21.60
N PRO A 890 -30.05 -27.10 -22.33
CA PRO A 890 -29.83 -25.68 -22.66
C PRO A 890 -30.98 -25.00 -23.38
N LEU A 891 -31.53 -25.61 -24.43
CA LEU A 891 -32.55 -24.89 -25.19
C LEU A 891 -33.77 -24.57 -24.33
N LEU A 892 -34.11 -25.45 -23.37
CA LEU A 892 -35.16 -25.12 -22.42
C LEU A 892 -34.77 -23.93 -21.55
N CYS A 893 -33.46 -23.78 -21.29
CA CYS A 893 -33.00 -22.84 -20.28
C CYS A 893 -33.18 -21.39 -20.72
N VAL A 894 -33.20 -21.13 -22.03
CA VAL A 894 -33.50 -19.76 -22.47
C VAL A 894 -34.96 -19.46 -22.18
N GLY A 895 -35.23 -18.26 -21.65
CA GLY A 895 -36.59 -17.84 -21.33
C GLY A 895 -37.16 -18.40 -20.03
N LEU A 896 -36.55 -19.43 -19.44
CA LEU A 896 -37.11 -20.17 -18.32
C LEU A 896 -37.08 -19.42 -16.98
N ARG A 897 -36.60 -18.18 -16.91
CA ARG A 897 -36.45 -17.57 -15.59
C ARG A 897 -37.79 -17.22 -14.95
N PRO A 898 -38.71 -16.50 -15.62
CA PRO A 898 -39.99 -16.18 -14.97
C PRO A 898 -40.61 -17.35 -14.26
N GLN A 899 -40.69 -18.50 -14.93
CA GLN A 899 -41.21 -19.69 -14.28
C GLN A 899 -40.23 -20.19 -13.21
N TRP A 900 -38.94 -20.04 -13.47
CA TRP A 900 -37.97 -20.58 -12.52
C TRP A 900 -38.20 -19.99 -11.14
N GLU A 901 -38.34 -18.68 -11.06
CA GLU A 901 -38.38 -17.97 -9.80
C GLU A 901 -39.79 -17.82 -9.25
N ASN A 902 -40.80 -18.27 -9.98
CA ASN A 902 -42.19 -18.08 -9.57
C ASN A 902 -42.55 -18.90 -8.33
N HIS A 903 -42.89 -18.23 -7.22
CA HIS A 903 -43.35 -18.97 -6.04
C HIS A 903 -44.70 -19.61 -6.24
N HIS A 904 -45.41 -19.26 -7.30
CA HIS A 904 -46.74 -19.78 -7.53
C HIS A 904 -46.74 -20.99 -8.47
N LEU A 905 -45.54 -21.52 -8.79
CA LEU A 905 -45.37 -22.79 -9.52
C LEU A 905 -44.64 -23.73 -8.60
N GLN A 906 -45.31 -24.77 -8.12
CA GLN A 906 -44.60 -25.85 -7.45
C GLN A 906 -44.56 -27.13 -8.29
N ASP A 907 -44.86 -27.02 -9.58
CA ASP A 907 -44.86 -28.18 -10.48
C ASP A 907 -44.32 -27.78 -11.85
N LEU A 908 -43.25 -26.98 -11.87
CA LEU A 908 -42.62 -26.64 -13.14
C LEU A 908 -41.90 -27.86 -13.70
N GLN A 909 -42.03 -28.05 -15.01
CA GLN A 909 -41.60 -29.27 -15.70
C GLN A 909 -40.25 -29.09 -16.36
N ASP A 910 -39.33 -30.02 -16.10
CA ASP A 910 -37.99 -30.00 -16.67
C ASP A 910 -38.03 -30.62 -18.07
N SER A 911 -36.87 -31.02 -18.60
CA SER A 911 -36.86 -31.48 -19.98
C SER A 911 -37.34 -32.92 -20.10
N TYR A 912 -37.30 -33.67 -19.00
CA TYR A 912 -37.86 -35.01 -18.94
C TYR A 912 -39.34 -35.00 -18.52
N GLY A 913 -39.95 -33.82 -18.42
CA GLY A 913 -41.30 -33.70 -17.92
C GLY A 913 -41.47 -33.85 -16.42
N GLN A 914 -40.38 -33.96 -15.66
CA GLN A 914 -40.59 -34.03 -14.22
C GLN A 914 -40.92 -32.64 -13.65
N GLU A 915 -41.55 -32.64 -12.48
CA GLU A 915 -42.19 -31.45 -11.94
C GLU A 915 -41.49 -31.01 -10.65
N TRP A 916 -40.78 -29.90 -10.72
CA TRP A 916 -40.05 -29.40 -9.57
C TRP A 916 -40.86 -28.38 -8.78
N THR A 917 -40.76 -28.45 -7.45
CA THR A 917 -41.25 -27.33 -6.66
C THR A 917 -40.27 -26.15 -6.73
N PHE A 918 -40.71 -25.00 -6.23
CA PHE A 918 -39.87 -23.81 -6.27
C PHE A 918 -38.62 -24.00 -5.40
N GLY A 919 -38.80 -24.58 -4.21
CA GLY A 919 -37.66 -24.86 -3.35
C GLY A 919 -36.64 -25.79 -4.00
N GLN A 920 -37.13 -26.87 -4.63
CA GLN A 920 -36.23 -27.76 -5.35
C GLN A 920 -35.52 -27.03 -6.49
N ARG A 921 -36.24 -26.20 -7.26
CA ARG A 921 -35.54 -25.41 -8.24
C ARG A 921 -34.48 -24.53 -7.59
N LEU A 922 -34.73 -24.11 -6.34
CA LEU A 922 -33.80 -23.19 -5.68
C LEU A 922 -32.52 -23.90 -5.27
N TYR A 923 -32.64 -25.10 -4.69
CA TYR A 923 -31.46 -25.90 -4.42
C TYR A 923 -30.70 -26.24 -5.71
N GLN A 924 -31.40 -26.40 -6.83
CA GLN A 924 -30.67 -26.48 -8.09
C GLN A 924 -29.95 -25.18 -8.41
N GLN A 925 -30.58 -24.04 -8.14
CA GLN A 925 -29.90 -22.77 -8.43
C GLN A 925 -28.63 -22.64 -7.60
N TYR A 926 -28.69 -23.01 -6.32
CA TYR A 926 -27.48 -23.04 -5.50
C TYR A 926 -26.43 -23.96 -6.09
N THR A 927 -26.83 -25.14 -6.57
CA THR A 927 -25.86 -25.97 -7.28
C THR A 927 -25.25 -25.21 -8.47
N CYS A 928 -26.07 -24.47 -9.22
CA CYS A 928 -25.52 -23.63 -10.31
C CYS A 928 -24.50 -22.62 -9.80
N TYR A 929 -24.84 -21.91 -8.70
CA TYR A 929 -23.87 -21.08 -7.99
C TYR A 929 -22.58 -21.86 -7.81
N THR A 930 -22.65 -22.96 -7.07
CA THR A 930 -21.43 -23.62 -6.62
C THR A 930 -20.59 -24.14 -7.79
N VAL A 931 -21.20 -24.62 -8.88
CA VAL A 931 -20.36 -25.00 -10.02
C VAL A 931 -19.78 -23.78 -10.73
N PHE A 932 -20.53 -22.68 -10.86
CA PHE A 932 -19.92 -21.51 -11.49
C PHE A 932 -18.77 -20.98 -10.63
N PHE A 933 -18.97 -20.95 -9.31
CA PHE A 933 -17.92 -20.59 -8.37
C PHE A 933 -16.70 -21.47 -8.54
N ILE A 934 -16.87 -22.80 -8.54
CA ILE A 934 -15.71 -23.69 -8.64
C ILE A 934 -15.03 -23.56 -10.01
N SER A 935 -15.81 -23.38 -11.07
CA SER A 935 -15.19 -23.07 -12.36
C SER A 935 -14.27 -21.86 -12.22
N ILE A 936 -14.72 -20.86 -11.46
CA ILE A 936 -13.90 -19.67 -11.29
C ILE A 936 -12.66 -19.99 -10.46
N GLU A 937 -12.79 -20.84 -9.44
CA GLU A 937 -11.64 -21.14 -8.58
C GLU A 937 -10.56 -21.92 -9.33
N MET A 938 -10.93 -23.00 -10.04
CA MET A 938 -9.94 -23.69 -10.84
C MET A 938 -9.26 -22.72 -11.78
N CYS A 939 -10.06 -21.90 -12.46
CA CYS A 939 -9.44 -20.92 -13.34
C CYS A 939 -8.62 -19.86 -12.62
N GLN A 940 -8.74 -19.72 -11.30
CA GLN A 940 -7.93 -18.78 -10.53
C GLN A 940 -6.70 -19.43 -9.89
N ILE A 941 -6.64 -20.76 -9.82
CA ILE A 941 -5.34 -21.42 -9.71
C ILE A 941 -4.53 -21.18 -10.98
N ALA A 942 -5.14 -21.37 -12.16
CA ALA A 942 -4.40 -21.02 -13.36
C ALA A 942 -4.04 -19.55 -13.39
N ASP A 943 -4.94 -18.68 -12.90
CA ASP A 943 -4.63 -17.25 -12.86
C ASP A 943 -3.42 -16.96 -11.98
N VAL A 944 -3.46 -17.40 -10.72
CA VAL A 944 -2.35 -17.08 -9.82
C VAL A 944 -1.05 -17.63 -10.37
N LEU A 945 -1.10 -18.73 -11.13
CA LEU A 945 0.19 -19.23 -11.60
C LEU A 945 0.69 -18.39 -12.78
N ILE A 946 -0.14 -18.12 -13.78
CA ILE A 946 0.41 -17.36 -14.91
C ILE A 946 0.73 -15.92 -14.55
N ARG A 947 0.15 -15.37 -13.49
CA ARG A 947 0.44 -14.00 -13.06
C ARG A 947 1.63 -13.91 -12.12
N LYS A 948 2.36 -15.01 -11.92
CA LYS A 948 3.62 -14.95 -11.22
C LYS A 948 4.69 -14.21 -12.02
N THR A 949 4.54 -14.24 -13.32
CA THR A 949 5.51 -13.65 -14.19
C THR A 949 4.90 -12.89 -15.31
N ARG A 950 5.50 -11.79 -15.69
CA ARG A 950 5.01 -10.96 -16.77
C ARG A 950 5.76 -11.18 -18.05
N ARG A 951 6.91 -11.80 -17.93
CA ARG A 951 7.79 -12.02 -19.05
C ARG A 951 8.26 -13.43 -19.20
N LEU A 952 8.83 -13.94 -18.13
CA LEU A 952 9.40 -15.25 -18.08
C LEU A 952 8.38 -16.31 -18.07
N SER A 953 8.75 -17.49 -18.53
CA SER A 953 7.85 -18.62 -18.50
C SER A 953 7.77 -19.19 -17.08
N ALA A 954 6.71 -19.96 -16.81
CA ALA A 954 6.64 -20.62 -15.52
C ALA A 954 7.69 -21.72 -15.41
N PHE A 955 8.15 -22.25 -16.55
CA PHE A 955 9.16 -23.31 -16.50
C PHE A 955 10.51 -22.75 -16.03
N GLN A 956 10.87 -21.56 -16.48
CA GLN A 956 12.10 -20.93 -16.03
C GLN A 956 12.03 -20.61 -14.54
N GLN A 957 11.29 -19.54 -14.16
CA GLN A 957 11.27 -19.07 -12.76
C GLN A 957 10.70 -20.13 -11.81
N GLY A 958 9.67 -20.88 -12.23
CA GLY A 958 9.24 -22.06 -11.49
C GLY A 958 7.74 -22.11 -11.28
N PHE A 959 7.31 -23.10 -10.48
CA PHE A 959 5.94 -23.22 -10.03
C PHE A 959 5.85 -23.16 -8.51
N PHE A 960 6.63 -23.98 -7.80
CA PHE A 960 6.50 -24.12 -6.36
C PHE A 960 7.50 -23.25 -5.59
N ARG A 961 8.14 -22.30 -6.26
CA ARG A 961 9.29 -21.62 -5.68
C ARG A 961 8.87 -20.45 -4.79
N ASN A 962 7.77 -19.78 -5.14
CA ASN A 962 7.09 -18.83 -4.24
C ASN A 962 6.34 -19.64 -3.19
N ARG A 963 6.91 -19.79 -1.99
CA ARG A 963 6.30 -20.73 -1.06
C ARG A 963 5.00 -20.17 -0.48
N ILE A 964 4.92 -18.85 -0.25
CA ILE A 964 3.68 -18.28 0.27
C ILE A 964 2.54 -18.50 -0.72
N LEU A 965 2.85 -18.40 -2.02
CA LEU A 965 1.83 -18.64 -3.03
C LEU A 965 1.30 -20.07 -2.97
N VAL A 966 2.18 -21.05 -2.77
CA VAL A 966 1.74 -22.43 -2.66
C VAL A 966 0.83 -22.60 -1.44
N ILE A 967 1.27 -22.11 -0.28
CA ILE A 967 0.38 -22.17 0.89
C ILE A 967 -0.97 -21.53 0.59
N ALA A 968 -0.99 -20.49 -0.26
CA ALA A 968 -2.24 -19.83 -0.55
C ALA A 968 -3.10 -20.60 -1.55
N ILE A 969 -2.51 -21.41 -2.43
CA ILE A 969 -3.36 -22.24 -3.29
C ILE A 969 -3.98 -23.36 -2.47
N VAL A 970 -3.20 -23.95 -1.57
CA VAL A 970 -3.76 -24.92 -0.63
C VAL A 970 -4.89 -24.28 0.18
N PHE A 971 -4.66 -23.08 0.71
CA PHE A 971 -5.69 -22.38 1.48
C PHE A 971 -6.95 -22.14 0.64
N GLN A 972 -6.77 -21.69 -0.59
CA GLN A 972 -7.89 -21.38 -1.47
C GLN A 972 -8.73 -22.63 -1.70
N VAL A 973 -8.07 -23.77 -1.94
CA VAL A 973 -8.83 -24.99 -2.16
C VAL A 973 -9.45 -25.50 -0.87
N CYS A 974 -8.79 -25.32 0.27
CA CYS A 974 -9.40 -25.77 1.52
C CYS A 974 -10.66 -24.98 1.86
N ILE A 975 -10.62 -23.64 1.75
CA ILE A 975 -11.84 -22.86 1.96
C ILE A 975 -12.91 -23.28 0.98
N GLY A 976 -12.55 -23.46 -0.29
CA GLY A 976 -13.51 -23.99 -1.25
C GLY A 976 -14.22 -25.23 -0.74
N CYS A 977 -13.45 -26.24 -0.37
CA CYS A 977 -14.07 -27.49 0.05
C CYS A 977 -14.90 -27.31 1.31
N PHE A 978 -14.42 -26.50 2.26
CA PHE A 978 -15.24 -26.29 3.45
C PHE A 978 -16.58 -25.68 3.10
N LEU A 979 -16.60 -24.74 2.14
CA LEU A 979 -17.87 -24.16 1.72
C LEU A 979 -18.73 -25.15 0.96
N CYS A 980 -18.13 -26.17 0.33
CA CYS A 980 -18.98 -27.09 -0.41
C CYS A 980 -19.55 -28.20 0.45
N TYR A 981 -18.70 -28.90 1.21
CA TYR A 981 -19.09 -30.15 1.84
C TYR A 981 -19.30 -30.03 3.34
N CYS A 982 -19.26 -28.83 3.89
CA CYS A 982 -19.68 -28.80 5.27
C CYS A 982 -21.21 -28.93 5.35
N PRO A 983 -21.74 -29.63 6.35
CA PRO A 983 -23.18 -29.67 6.53
C PRO A 983 -23.74 -28.32 6.94
N GLY A 984 -24.99 -28.06 6.54
CA GLY A 984 -25.61 -26.79 6.77
C GLY A 984 -25.32 -25.73 5.74
N MET A 985 -24.36 -25.95 4.87
CA MET A 985 -23.87 -24.91 3.99
C MET A 985 -24.86 -24.54 2.87
N PRO A 986 -25.71 -25.45 2.39
CA PRO A 986 -26.72 -25.01 1.42
C PRO A 986 -27.68 -23.97 1.98
N ASN A 987 -27.85 -23.93 3.29
CA ASN A 987 -28.81 -23.02 3.89
C ASN A 987 -28.15 -21.77 4.44
N ILE A 988 -26.92 -21.86 4.95
CA ILE A 988 -26.30 -20.68 5.55
C ILE A 988 -25.60 -19.81 4.49
N PHE A 989 -24.88 -20.40 3.53
CA PHE A 989 -24.20 -19.60 2.52
C PHE A 989 -24.53 -19.99 1.09
N ASN A 990 -25.56 -20.81 0.87
CA ASN A 990 -26.08 -21.10 -0.46
C ASN A 990 -25.06 -21.83 -1.33
N PHE A 991 -24.27 -22.70 -0.70
CA PHE A 991 -23.26 -23.50 -1.38
C PHE A 991 -23.67 -24.96 -1.34
N MET A 992 -23.65 -25.65 -2.56
CA MET A 992 -24.06 -27.04 -2.56
C MET A 992 -22.86 -27.98 -2.54
N PRO A 993 -22.94 -29.17 -1.88
CA PRO A 993 -21.86 -30.16 -2.03
C PRO A 993 -21.86 -30.76 -3.44
N ILE A 994 -21.19 -30.09 -4.37
CA ILE A 994 -21.28 -30.47 -5.77
C ILE A 994 -20.62 -31.82 -5.99
N ARG A 995 -21.06 -32.52 -7.03
CA ARG A 995 -20.46 -33.80 -7.38
C ARG A 995 -19.09 -33.56 -8.00
N PHE A 996 -18.30 -34.62 -8.08
CA PHE A 996 -16.89 -34.50 -8.44
C PHE A 996 -16.64 -34.56 -9.95
N GLN A 997 -17.68 -34.59 -10.78
CA GLN A 997 -17.51 -34.28 -12.20
C GLN A 997 -17.40 -32.78 -12.42
N TRP A 998 -18.09 -32.01 -11.55
CA TRP A 998 -18.24 -30.56 -11.69
C TRP A 998 -16.92 -29.83 -11.46
N TRP A 999 -16.02 -30.40 -10.65
CA TRP A 999 -14.68 -29.84 -10.51
C TRP A 999 -13.89 -29.97 -11.81
N LEU A 1000 -14.05 -31.09 -12.51
CA LEU A 1000 -13.16 -31.37 -13.61
C LEU A 1000 -13.60 -30.67 -14.90
N VAL A 1001 -14.88 -30.35 -15.04
CA VAL A 1001 -15.31 -29.63 -16.25
C VAL A 1001 -14.47 -28.38 -16.52
N PRO A 1002 -13.99 -27.64 -15.52
CA PRO A 1002 -13.13 -26.48 -15.85
C PRO A 1002 -11.66 -26.78 -16.14
N MET A 1003 -11.10 -27.95 -15.69
CA MET A 1003 -9.70 -28.32 -15.87
C MET A 1003 -9.18 -27.98 -17.28
N PRO A 1004 -9.75 -28.48 -18.37
CA PRO A 1004 -9.26 -28.07 -19.69
C PRO A 1004 -9.28 -26.56 -19.89
N PHE A 1005 -10.24 -25.84 -19.32
CA PHE A 1005 -10.26 -24.39 -19.49
C PHE A 1005 -9.15 -23.71 -18.69
N SER A 1006 -8.88 -24.24 -17.50
CA SER A 1006 -7.76 -23.78 -16.69
C SER A 1006 -6.42 -23.99 -17.42
N LEU A 1007 -6.14 -25.24 -17.82
CA LEU A 1007 -4.93 -25.51 -18.58
C LEU A 1007 -4.87 -24.66 -19.84
N LEU A 1008 -6.00 -24.46 -20.49
CA LEU A 1008 -6.02 -23.59 -21.67
C LEU A 1008 -5.53 -22.18 -21.31
N ILE A 1009 -5.96 -21.64 -20.16
CA ILE A 1009 -5.45 -20.34 -19.73
C ILE A 1009 -3.93 -20.39 -19.62
N PHE A 1010 -3.42 -21.36 -18.83
CA PHE A 1010 -1.98 -21.51 -18.64
C PHE A 1010 -1.23 -21.49 -19.98
N VAL A 1011 -1.61 -22.38 -20.91
CA VAL A 1011 -0.96 -22.45 -22.21
C VAL A 1011 -1.10 -21.14 -22.97
N TYR A 1012 -2.27 -20.50 -22.91
CA TYR A 1012 -2.46 -19.27 -23.68
C TYR A 1012 -1.51 -18.16 -23.24
N ASP A 1013 -1.39 -17.95 -21.92
CA ASP A 1013 -0.47 -16.92 -21.42
C ASP A 1013 0.99 -17.30 -21.65
N GLU A 1014 1.35 -18.59 -21.54
CA GLU A 1014 2.71 -19.00 -21.90
C GLU A 1014 3.02 -18.62 -23.34
N ILE A 1015 2.13 -18.96 -24.28
CA ILE A 1015 2.43 -18.64 -25.67
C ILE A 1015 2.55 -17.12 -25.84
N ARG A 1016 1.70 -16.34 -25.17
CA ARG A 1016 1.87 -14.90 -25.29
C ARG A 1016 3.25 -14.47 -24.77
N LYS A 1017 3.59 -14.91 -23.56
CA LYS A 1017 4.82 -14.48 -22.89
C LYS A 1017 6.05 -14.92 -23.66
N LEU A 1018 6.03 -16.13 -24.24
CA LEU A 1018 7.10 -16.60 -25.10
C LEU A 1018 7.15 -15.81 -26.41
N GLY A 1019 5.99 -15.35 -26.89
CA GLY A 1019 5.99 -14.43 -28.01
C GLY A 1019 6.77 -13.17 -27.71
N VAL A 1020 6.54 -12.57 -26.54
CA VAL A 1020 7.27 -11.37 -26.16
C VAL A 1020 8.75 -11.68 -25.91
N ARG A 1021 9.03 -12.75 -25.16
CA ARG A 1021 10.37 -13.20 -24.81
C ARG A 1021 11.20 -13.43 -26.08
N CYS A 1022 10.87 -14.48 -26.84
CA CYS A 1022 11.60 -14.83 -28.05
C CYS A 1022 11.22 -13.99 -29.27
N CYS A 1023 10.50 -12.87 -29.09
CA CYS A 1023 10.35 -11.95 -30.20
C CYS A 1023 10.01 -10.54 -29.69
N PRO A 1024 11.00 -9.69 -29.42
CA PRO A 1024 10.70 -8.31 -29.02
C PRO A 1024 9.78 -7.55 -30.00
N GLY A 1025 9.76 -7.92 -31.28
CA GLY A 1025 8.95 -7.25 -32.29
C GLY A 1025 7.45 -7.47 -32.22
N LEU B 33 -3.91 4.40 -38.60
CA LEU B 33 -4.81 4.38 -39.75
C LEU B 33 -5.61 3.06 -39.84
N SER B 34 -4.89 1.94 -39.93
CA SER B 34 -5.48 0.65 -40.28
C SER B 34 -4.84 -0.47 -39.44
N ARG B 35 -4.74 -0.25 -38.13
CA ARG B 35 -4.22 -1.26 -37.20
C ARG B 35 -5.23 -1.64 -36.13
N TRP B 36 -6.10 -0.70 -35.71
CA TRP B 36 -7.26 -1.06 -34.90
C TRP B 36 -8.03 -2.21 -35.54
N VAL B 37 -8.03 -2.27 -36.87
CA VAL B 37 -8.63 -3.41 -37.55
C VAL B 37 -7.82 -4.69 -37.28
N TRP B 38 -6.50 -4.60 -37.31
CA TRP B 38 -5.71 -5.82 -37.16
C TRP B 38 -5.73 -6.36 -35.73
N ILE B 39 -6.16 -5.55 -34.76
CA ILE B 39 -6.32 -6.06 -33.40
C ILE B 39 -7.78 -6.44 -33.11
N SER B 40 -8.73 -5.61 -33.52
CA SER B 40 -10.14 -5.98 -33.33
C SER B 40 -10.45 -7.27 -34.06
N LEU B 41 -9.92 -7.45 -35.27
CA LEU B 41 -10.07 -8.73 -35.95
C LEU B 41 -9.41 -9.84 -35.15
N TYR B 42 -8.40 -9.52 -34.35
CA TYR B 42 -7.91 -10.52 -33.41
C TYR B 42 -8.98 -10.83 -32.36
N TYR B 43 -9.76 -9.84 -31.93
CA TYR B 43 -10.77 -10.13 -30.91
C TYR B 43 -11.94 -10.90 -31.49
N VAL B 44 -12.43 -10.52 -32.68
CA VAL B 44 -13.51 -11.29 -33.28
C VAL B 44 -13.03 -12.71 -33.58
N ALA B 45 -11.77 -12.85 -33.98
CA ALA B 45 -11.19 -14.19 -34.10
C ALA B 45 -11.22 -14.93 -32.77
N PHE B 46 -10.86 -14.24 -31.70
CA PHE B 46 -10.71 -14.89 -30.41
C PHE B 46 -12.06 -15.32 -29.85
N TYR B 47 -13.08 -14.50 -30.08
CA TYR B 47 -14.40 -14.81 -29.55
C TYR B 47 -15.13 -15.82 -30.42
N VAL B 48 -14.90 -15.80 -31.72
CA VAL B 48 -15.43 -16.86 -32.58
C VAL B 48 -14.83 -18.20 -32.18
N VAL B 49 -13.49 -18.27 -32.13
CA VAL B 49 -12.85 -19.51 -31.69
C VAL B 49 -13.41 -19.97 -30.35
N MET B 50 -13.38 -19.09 -29.35
CA MET B 50 -13.78 -19.51 -28.00
C MET B 50 -15.24 -19.96 -27.97
N SER B 51 -16.10 -19.25 -28.72
CA SER B 51 -17.49 -19.66 -28.85
C SER B 51 -17.60 -21.08 -29.41
N GLY B 52 -16.94 -21.34 -30.54
CA GLY B 52 -16.96 -22.68 -31.10
C GLY B 52 -16.53 -23.75 -30.11
N ILE B 53 -15.46 -23.47 -29.35
CA ILE B 53 -15.01 -24.41 -28.32
C ILE B 53 -16.15 -24.69 -27.35
N PHE B 54 -16.85 -23.64 -26.92
CA PHE B 54 -18.00 -23.81 -26.04
C PHE B 54 -19.08 -24.65 -26.71
N ALA B 55 -19.36 -24.39 -27.99
CA ALA B 55 -20.34 -25.15 -28.76
C ALA B 55 -20.03 -26.63 -28.67
N LEU B 56 -18.80 -27.01 -29.03
CA LEU B 56 -18.45 -28.41 -28.96
C LEU B 56 -18.59 -28.95 -27.53
N CYS B 57 -18.40 -28.11 -26.51
CA CYS B 57 -18.69 -28.58 -25.16
C CYS B 57 -20.16 -28.92 -25.00
N ILE B 58 -21.05 -28.07 -25.53
CA ILE B 58 -22.49 -28.33 -25.47
C ILE B 58 -22.83 -29.61 -26.21
N TYR B 59 -22.56 -29.63 -27.53
CA TYR B 59 -22.72 -30.81 -28.38
C TYR B 59 -22.25 -32.10 -27.71
N VAL B 60 -21.05 -32.11 -27.19
CA VAL B 60 -20.57 -33.31 -26.51
C VAL B 60 -21.36 -33.58 -25.24
N LEU B 61 -21.80 -32.51 -24.55
CA LEU B 61 -22.63 -32.69 -23.36
C LEU B 61 -23.99 -33.29 -23.73
N MET B 62 -24.58 -32.83 -24.84
CA MET B 62 -25.86 -33.30 -25.40
C MET B 62 -25.76 -34.65 -26.04
N ARG B 63 -24.67 -35.39 -25.85
CA ARG B 63 -24.64 -36.81 -26.08
C ARG B 63 -24.33 -37.61 -24.83
N THR B 64 -23.72 -37.00 -23.80
CA THR B 64 -23.82 -37.53 -22.43
C THR B 64 -25.25 -37.86 -22.07
N ILE B 65 -26.20 -37.13 -22.65
CA ILE B 65 -27.55 -37.00 -22.09
C ILE B 65 -28.48 -38.00 -22.77
N ASP B 66 -29.00 -38.91 -21.96
CA ASP B 66 -29.99 -39.88 -22.40
C ASP B 66 -31.33 -39.18 -22.58
N PRO B 67 -32.06 -39.41 -23.69
CA PRO B 67 -33.33 -38.72 -23.88
C PRO B 67 -34.47 -39.23 -23.02
N TYR B 68 -34.31 -40.32 -22.27
CA TYR B 68 -35.42 -40.91 -21.55
C TYR B 68 -35.25 -40.92 -20.04
N THR B 69 -34.02 -40.81 -19.53
CA THR B 69 -33.80 -40.84 -18.08
C THR B 69 -32.76 -39.80 -17.65
N PRO B 70 -33.09 -38.93 -16.70
CA PRO B 70 -32.12 -37.93 -16.25
C PRO B 70 -30.96 -38.58 -15.51
N ASP B 71 -29.76 -38.03 -15.73
CA ASP B 71 -28.54 -38.61 -15.14
C ASP B 71 -28.64 -38.67 -13.61
N TYR B 72 -28.95 -37.55 -12.98
CA TYR B 72 -29.10 -37.52 -11.55
C TYR B 72 -30.45 -36.89 -11.20
N GLN B 73 -31.05 -37.38 -10.13
CA GLN B 73 -32.24 -36.75 -9.56
C GLN B 73 -31.89 -36.34 -8.13
N ASP B 74 -31.11 -35.27 -8.03
CA ASP B 74 -30.43 -34.96 -6.78
C ASP B 74 -31.30 -34.14 -5.83
N GLN B 75 -32.19 -33.30 -6.38
CA GLN B 75 -33.06 -32.47 -5.56
C GLN B 75 -34.49 -33.00 -5.50
N LEU B 76 -34.87 -33.85 -6.44
CA LEU B 76 -36.16 -34.54 -6.41
C LEU B 76 -36.05 -35.76 -5.50
N LYS B 77 -35.84 -35.49 -4.20
CA LYS B 77 -35.73 -36.57 -3.22
C LYS B 77 -37.09 -37.21 -2.94
N SER B 78 -38.10 -36.40 -2.68
CA SER B 78 -39.51 -36.73 -2.51
C SER B 78 -40.33 -35.83 -3.43
N PRO B 79 -41.53 -36.25 -3.85
CA PRO B 79 -42.27 -35.43 -4.82
C PRO B 79 -42.90 -34.20 -4.18
N GLY B 80 -42.95 -33.12 -4.99
CA GLY B 80 -43.78 -32.00 -4.65
C GLY B 80 -45.25 -32.33 -4.80
N VAL B 81 -46.10 -31.66 -4.00
CA VAL B 81 -47.55 -31.76 -4.09
C VAL B 81 -48.16 -30.40 -4.42
N THR B 82 -49.02 -30.36 -5.42
CA THR B 82 -49.70 -29.12 -5.73
C THR B 82 -51.21 -29.29 -5.60
N LEU B 83 -51.85 -28.19 -5.27
CA LEU B 83 -53.28 -28.12 -5.04
C LEU B 83 -53.94 -27.40 -6.21
N ARG B 84 -55.25 -27.44 -6.25
CA ARG B 84 -56.00 -26.79 -7.32
C ARG B 84 -57.45 -26.60 -6.85
N PRO B 85 -58.05 -25.40 -7.02
CA PRO B 85 -57.49 -24.22 -7.68
C PRO B 85 -56.54 -23.47 -6.76
N ASP B 86 -55.34 -23.13 -7.27
CA ASP B 86 -54.30 -22.49 -6.48
C ASP B 86 -54.47 -20.97 -6.52
N VAL B 87 -54.67 -20.37 -5.34
CA VAL B 87 -54.67 -18.92 -5.17
C VAL B 87 -53.73 -18.62 -4.04
N TYR B 88 -52.85 -17.63 -4.24
CA TYR B 88 -51.72 -17.41 -3.36
C TYR B 88 -51.79 -16.04 -2.71
N GLY B 89 -51.35 -15.98 -1.45
CA GLY B 89 -51.29 -14.75 -0.69
C GLY B 89 -49.87 -14.33 -0.37
N GLU B 90 -49.75 -13.46 0.63
CA GLU B 90 -48.42 -13.05 1.01
C GLU B 90 -47.63 -14.23 1.57
N LYS B 91 -48.30 -15.11 2.31
CA LYS B 91 -47.67 -16.20 3.03
C LYS B 91 -47.78 -17.55 2.34
N GLY B 92 -48.37 -17.62 1.15
CA GLY B 92 -48.56 -18.89 0.46
C GLY B 92 -49.96 -19.07 -0.10
N LEU B 93 -50.47 -20.31 -0.10
CA LEU B 93 -51.80 -20.55 -0.66
C LEU B 93 -52.84 -19.97 0.26
N ASP B 94 -53.68 -19.10 -0.28
CA ASP B 94 -54.67 -18.35 0.49
C ASP B 94 -55.94 -18.30 -0.35
N ILE B 95 -56.88 -19.18 -0.05
CA ILE B 95 -58.14 -19.27 -0.78
C ILE B 95 -59.25 -18.69 0.11
N SER B 96 -59.99 -17.73 -0.44
CA SER B 96 -61.03 -17.01 0.29
C SER B 96 -62.14 -16.60 -0.67
N TYR B 97 -63.39 -16.92 -0.32
CA TYR B 97 -64.51 -16.65 -1.21
C TYR B 97 -65.82 -16.54 -0.41
N ASN B 98 -66.88 -16.13 -1.11
CA ASN B 98 -68.19 -15.84 -0.53
C ASN B 98 -69.25 -16.65 -1.27
N VAL B 99 -69.90 -17.58 -0.55
CA VAL B 99 -70.87 -18.47 -1.18
C VAL B 99 -71.96 -17.68 -1.90
N SER B 100 -72.33 -16.52 -1.35
CA SER B 100 -73.42 -15.75 -1.94
C SER B 100 -72.97 -14.87 -3.11
N ASP B 101 -71.66 -14.71 -3.32
CA ASP B 101 -71.12 -13.84 -4.36
C ASP B 101 -70.32 -14.71 -5.34
N SER B 102 -70.96 -15.12 -6.45
CA SER B 102 -70.29 -15.98 -7.42
C SER B 102 -69.05 -15.31 -8.01
N THR B 103 -68.99 -13.97 -8.02
CA THR B 103 -67.75 -13.29 -8.40
C THR B 103 -66.55 -13.88 -7.66
N THR B 104 -66.70 -14.10 -6.36
CA THR B 104 -65.57 -14.59 -5.59
C THR B 104 -65.30 -16.08 -5.75
N TRP B 105 -66.10 -16.83 -6.52
CA TRP B 105 -65.72 -18.23 -6.73
C TRP B 105 -65.85 -18.76 -8.15
N ALA B 106 -66.53 -18.06 -9.07
CA ALA B 106 -66.60 -18.47 -10.47
C ALA B 106 -65.20 -18.79 -11.00
N GLY B 107 -64.32 -17.80 -10.98
CA GLY B 107 -62.89 -17.99 -11.22
C GLY B 107 -62.30 -19.26 -10.65
N LEU B 108 -62.45 -19.51 -9.34
CA LEU B 108 -61.94 -20.73 -8.75
C LEU B 108 -62.43 -21.95 -9.54
N ALA B 109 -63.76 -22.07 -9.69
CA ALA B 109 -64.32 -23.16 -10.46
C ALA B 109 -63.76 -23.17 -11.88
N HIS B 110 -63.70 -22.00 -12.52
CA HIS B 110 -63.27 -21.97 -13.91
C HIS B 110 -61.80 -22.40 -14.05
N THR B 111 -61.02 -22.37 -12.98
CA THR B 111 -59.68 -22.95 -13.07
C THR B 111 -59.77 -24.48 -13.04
N LEU B 112 -60.60 -25.02 -12.15
CA LEU B 112 -60.87 -26.47 -12.11
C LEU B 112 -61.42 -26.98 -13.44
N HIS B 113 -62.20 -26.17 -14.16
CA HIS B 113 -62.62 -26.57 -15.50
C HIS B 113 -61.43 -26.63 -16.43
N ARG B 114 -60.65 -25.53 -16.50
CA ARG B 114 -59.56 -25.50 -17.45
C ARG B 114 -58.55 -26.58 -17.13
N PHE B 115 -58.23 -26.75 -15.84
CA PHE B 115 -57.32 -27.80 -15.41
C PHE B 115 -57.75 -29.17 -15.89
N LEU B 116 -59.06 -29.46 -15.87
CA LEU B 116 -59.56 -30.78 -16.23
C LEU B 116 -59.92 -30.90 -17.70
N ALA B 117 -59.73 -29.84 -18.50
CA ALA B 117 -60.02 -29.92 -19.92
C ALA B 117 -59.09 -30.90 -20.63
N GLY B 118 -57.99 -31.28 -19.98
CA GLY B 118 -57.06 -32.27 -20.46
C GLY B 118 -57.24 -33.63 -19.83
N TYR B 119 -58.24 -33.79 -18.96
CA TYR B 119 -58.66 -35.09 -18.47
C TYR B 119 -59.98 -35.55 -19.11
N SER B 120 -60.38 -34.89 -20.21
CA SER B 120 -61.59 -35.23 -20.91
C SER B 120 -61.35 -36.46 -21.78
N PRO B 121 -62.33 -37.36 -21.86
CA PRO B 121 -62.27 -38.44 -22.85
C PRO B 121 -61.70 -38.01 -24.20
N ALA B 122 -62.11 -36.80 -24.66
CA ALA B 122 -61.59 -36.24 -25.90
C ALA B 122 -60.06 -36.24 -25.97
N ALA B 123 -59.40 -35.64 -24.96
CA ALA B 123 -57.93 -35.54 -24.91
C ALA B 123 -57.36 -36.57 -23.95
N GLN B 124 -57.80 -37.81 -24.12
CA GLN B 124 -57.20 -38.93 -23.40
C GLN B 124 -57.03 -40.12 -24.33
N GLU B 125 -57.18 -39.91 -25.63
CA GLU B 125 -57.13 -40.99 -26.62
C GLU B 125 -55.74 -41.62 -26.69
N GLY B 126 -54.67 -40.84 -26.40
CA GLY B 126 -53.32 -41.36 -26.54
C GLY B 126 -52.93 -42.34 -25.45
N SER B 127 -53.76 -42.47 -24.41
CA SER B 127 -53.55 -43.38 -23.29
C SER B 127 -54.59 -44.52 -23.32
N ILE B 128 -54.36 -45.54 -22.48
CA ILE B 128 -55.10 -46.81 -22.46
C ILE B 128 -55.64 -47.08 -21.03
N ASN B 129 -56.79 -47.79 -20.94
CA ASN B 129 -57.38 -48.15 -19.65
C ASN B 129 -56.46 -49.11 -18.95
N CYS B 130 -55.60 -48.58 -18.10
CA CYS B 130 -54.90 -49.45 -17.19
C CYS B 130 -55.85 -49.86 -16.07
N THR B 131 -55.86 -51.15 -15.82
CA THR B 131 -56.66 -51.82 -14.83
C THR B 131 -55.75 -52.69 -13.95
N SER B 132 -54.44 -52.66 -14.22
CA SER B 132 -53.50 -53.63 -13.67
C SER B 132 -53.49 -53.56 -12.15
N GLU B 133 -53.55 -52.35 -11.60
CA GLU B 133 -53.58 -51.95 -10.19
C GLU B 133 -52.20 -51.99 -9.53
N LYS B 134 -51.16 -52.52 -10.20
CA LYS B 134 -49.79 -52.49 -9.68
C LYS B 134 -48.87 -51.97 -10.78
N TYR B 135 -47.59 -51.69 -10.43
CA TYR B 135 -46.72 -50.84 -11.24
C TYR B 135 -46.73 -51.26 -12.71
N PHE B 136 -46.68 -50.28 -13.61
CA PHE B 136 -46.75 -50.53 -15.04
C PHE B 136 -45.37 -50.40 -15.71
N PHE B 137 -44.41 -51.16 -15.18
CA PHE B 137 -43.10 -51.31 -15.80
C PHE B 137 -43.22 -51.65 -17.29
N GLN B 138 -42.48 -50.91 -18.11
CA GLN B 138 -42.30 -51.26 -19.52
C GLN B 138 -40.82 -51.12 -19.84
N GLU B 139 -40.21 -52.17 -20.36
CA GLU B 139 -38.83 -52.05 -20.75
C GLU B 139 -38.67 -51.72 -22.23
N SER B 140 -39.60 -52.15 -23.07
CA SER B 140 -39.52 -51.81 -24.48
C SER B 140 -40.54 -50.73 -24.85
N PHE B 141 -40.56 -50.34 -26.14
CA PHE B 141 -41.29 -49.18 -26.64
C PHE B 141 -42.38 -49.65 -27.61
N LEU B 142 -43.44 -50.24 -27.05
CA LEU B 142 -44.43 -50.96 -27.85
C LEU B 142 -45.67 -50.12 -28.18
N ALA B 143 -45.60 -48.81 -28.01
CA ALA B 143 -46.74 -47.97 -28.32
C ALA B 143 -46.51 -47.15 -29.58
N PRO B 144 -47.61 -46.71 -30.23
CA PRO B 144 -47.49 -46.00 -31.52
C PRO B 144 -46.38 -44.98 -31.63
N ASN B 145 -45.78 -44.93 -32.83
CA ASN B 145 -44.69 -44.01 -33.15
C ASN B 145 -43.53 -44.14 -32.18
N HIS B 146 -43.17 -45.38 -31.83
CA HIS B 146 -42.01 -45.69 -31.00
C HIS B 146 -42.09 -44.92 -29.68
N THR B 147 -43.09 -45.29 -28.88
CA THR B 147 -43.30 -44.64 -27.59
C THR B 147 -43.69 -45.70 -26.57
N LYS B 148 -44.12 -45.27 -25.38
CA LYS B 148 -44.59 -46.21 -24.37
C LYS B 148 -46.05 -45.96 -24.06
N PHE B 149 -46.66 -46.86 -23.28
CA PHE B 149 -48.07 -46.72 -22.91
C PHE B 149 -48.18 -45.90 -21.63
N SER B 150 -48.99 -44.85 -21.66
CA SER B 150 -49.42 -44.19 -20.43
C SER B 150 -50.90 -44.49 -20.17
N CYS B 151 -51.25 -44.52 -18.90
CA CYS B 151 -52.61 -44.82 -18.49
C CYS B 151 -53.57 -43.68 -18.77
N LYS B 152 -54.83 -44.05 -18.88
CA LYS B 152 -55.88 -43.06 -18.94
C LYS B 152 -56.21 -42.63 -17.53
N PHE B 153 -56.47 -41.33 -17.36
CA PHE B 153 -57.14 -40.85 -16.17
C PHE B 153 -58.06 -39.72 -16.59
N THR B 154 -59.37 -39.93 -16.41
CA THR B 154 -60.42 -39.07 -16.92
C THR B 154 -61.15 -38.34 -15.77
N ALA B 155 -61.65 -37.13 -16.09
CA ALA B 155 -62.25 -36.27 -15.08
C ALA B 155 -63.32 -36.99 -14.26
N ASP B 156 -64.20 -37.75 -14.92
CA ASP B 156 -65.33 -38.36 -14.25
C ASP B 156 -64.93 -39.29 -13.10
N MET B 157 -63.64 -39.59 -12.95
CA MET B 157 -63.16 -40.44 -11.86
C MET B 157 -63.12 -39.70 -10.52
N LEU B 158 -63.14 -38.37 -10.56
CA LEU B 158 -63.29 -37.52 -9.39
C LEU B 158 -64.73 -37.40 -8.94
N GLN B 159 -65.65 -38.12 -9.61
CA GLN B 159 -67.07 -38.25 -9.30
C GLN B 159 -67.73 -36.92 -8.94
N ASN B 160 -68.07 -36.71 -7.66
CA ASN B 160 -68.81 -35.51 -7.30
C ASN B 160 -68.02 -34.23 -7.62
N CYS B 161 -66.69 -34.29 -7.52
CA CYS B 161 -65.82 -33.15 -7.74
C CYS B 161 -65.33 -33.05 -9.18
N SER B 162 -65.92 -33.80 -10.10
CA SER B 162 -65.49 -33.81 -11.49
C SER B 162 -66.09 -32.69 -12.32
N GLY B 163 -66.86 -31.79 -11.70
CA GLY B 163 -67.53 -30.73 -12.42
C GLY B 163 -68.89 -31.09 -12.95
N ARG B 164 -69.40 -32.27 -12.57
CA ARG B 164 -70.73 -32.78 -12.82
C ARG B 164 -71.03 -33.65 -11.59
N PRO B 165 -72.23 -33.53 -10.99
CA PRO B 165 -73.38 -32.75 -11.46
C PRO B 165 -73.33 -31.26 -11.04
N ASP B 166 -72.24 -30.86 -10.36
CA ASP B 166 -72.02 -29.53 -9.79
C ASP B 166 -70.92 -28.80 -10.57
N PRO B 167 -71.26 -27.86 -11.48
CA PRO B 167 -70.23 -27.08 -12.20
C PRO B 167 -69.47 -26.07 -11.36
N THR B 168 -69.69 -26.02 -10.05
CA THR B 168 -68.91 -25.18 -9.16
C THR B 168 -68.06 -25.99 -8.21
N PHE B 169 -67.90 -27.28 -8.48
CA PHE B 169 -66.95 -28.13 -7.76
C PHE B 169 -67.09 -27.95 -6.25
N GLY B 170 -68.33 -27.73 -5.82
CA GLY B 170 -68.65 -27.72 -4.42
C GLY B 170 -68.45 -26.40 -3.73
N PHE B 171 -68.11 -25.35 -4.47
CA PHE B 171 -67.86 -24.06 -3.83
C PHE B 171 -69.17 -23.36 -3.46
N ALA B 172 -70.11 -23.30 -4.41
CA ALA B 172 -71.37 -22.61 -4.14
C ALA B 172 -72.09 -23.20 -2.93
N GLU B 173 -71.81 -24.44 -2.55
CA GLU B 173 -72.41 -25.00 -1.34
C GLU B 173 -71.72 -24.51 -0.07
N GLY B 174 -70.39 -24.37 -0.12
CA GLY B 174 -69.58 -24.33 1.08
C GLY B 174 -68.90 -25.64 1.39
N LYS B 175 -68.88 -26.56 0.45
CA LYS B 175 -68.20 -27.83 0.61
C LYS B 175 -67.29 -28.00 -0.60
N PRO B 176 -66.20 -27.23 -0.66
CA PRO B 176 -65.44 -27.12 -1.90
C PRO B 176 -64.66 -28.39 -2.20
N CYS B 177 -64.27 -28.51 -3.47
CA CYS B 177 -63.46 -29.61 -3.96
C CYS B 177 -62.08 -29.09 -4.31
N PHE B 178 -61.06 -29.60 -3.61
CA PHE B 178 -59.67 -29.28 -3.89
C PHE B 178 -59.00 -30.50 -4.52
N ILE B 179 -58.51 -30.32 -5.75
CA ILE B 179 -57.79 -31.36 -6.47
C ILE B 179 -56.33 -31.37 -6.01
N ILE B 180 -55.85 -32.54 -5.61
CA ILE B 180 -54.46 -32.73 -5.18
C ILE B 180 -53.74 -33.53 -6.26
N LYS B 181 -52.55 -33.07 -6.66
CA LYS B 181 -51.73 -33.67 -7.72
C LYS B 181 -50.30 -33.84 -7.25
N MET B 182 -49.82 -35.09 -7.26
CA MET B 182 -48.45 -35.43 -6.86
C MET B 182 -47.51 -35.25 -8.04
N ASN B 183 -46.41 -34.52 -7.82
CA ASN B 183 -45.44 -34.23 -8.88
C ASN B 183 -44.83 -35.52 -9.41
N ARG B 184 -44.62 -35.58 -10.72
CA ARG B 184 -44.03 -36.75 -11.33
C ARG B 184 -42.51 -36.63 -11.41
N ILE B 185 -41.82 -37.65 -10.89
CA ILE B 185 -40.38 -37.82 -11.03
C ILE B 185 -40.13 -39.15 -11.75
N VAL B 186 -39.21 -39.14 -12.72
CA VAL B 186 -39.00 -40.34 -13.54
C VAL B 186 -38.55 -41.54 -12.69
N LYS B 187 -39.17 -42.69 -12.97
CA LYS B 187 -38.89 -43.97 -12.33
C LYS B 187 -39.00 -43.92 -10.81
N PHE B 188 -39.67 -42.91 -10.27
CA PHE B 188 -39.90 -42.86 -8.84
C PHE B 188 -41.04 -43.80 -8.46
N LEU B 189 -40.83 -44.54 -7.38
CA LEU B 189 -41.83 -45.51 -6.93
C LEU B 189 -42.29 -45.16 -5.52
N PRO B 190 -43.60 -44.91 -5.29
CA PRO B 190 -44.03 -44.43 -3.97
C PRO B 190 -44.02 -45.52 -2.91
N GLY B 191 -44.47 -46.71 -3.28
CA GLY B 191 -44.63 -47.78 -2.32
C GLY B 191 -45.26 -49.01 -2.93
N ASN B 192 -44.79 -50.19 -2.51
CA ASN B 192 -45.28 -51.44 -3.09
C ASN B 192 -46.58 -51.92 -2.45
N SER B 193 -46.76 -51.67 -1.16
CA SER B 193 -47.82 -52.34 -0.40
C SER B 193 -49.21 -51.83 -0.82
N THR B 194 -49.60 -50.64 -0.36
CA THR B 194 -50.86 -50.05 -0.76
C THR B 194 -50.62 -49.03 -1.88
N ALA B 195 -51.70 -48.43 -2.35
CA ALA B 195 -51.53 -47.24 -3.17
C ALA B 195 -51.39 -46.02 -2.25
N PRO B 196 -50.67 -44.99 -2.70
CA PRO B 196 -50.50 -43.79 -1.88
C PRO B 196 -51.83 -43.09 -1.66
N ARG B 197 -52.13 -42.77 -0.41
CA ARG B 197 -53.35 -42.06 -0.09
C ARG B 197 -53.06 -40.57 0.12
N VAL B 198 -54.12 -39.77 0.07
CA VAL B 198 -54.08 -38.36 0.42
C VAL B 198 -54.85 -38.17 1.73
N ASP B 199 -54.16 -37.93 2.83
CA ASP B 199 -54.87 -37.59 4.06
C ASP B 199 -54.90 -36.09 4.22
N CYS B 200 -56.10 -35.55 4.40
CA CYS B 200 -56.33 -34.11 4.37
C CYS B 200 -57.08 -33.72 5.64
N ALA B 201 -56.48 -32.90 6.49
CA ALA B 201 -57.01 -32.63 7.84
C ALA B 201 -56.64 -31.22 8.33
N PHE B 202 -57.40 -30.75 9.34
CA PHE B 202 -57.19 -29.43 9.93
C PHE B 202 -55.77 -29.30 10.49
N LEU B 203 -55.20 -28.10 10.39
CA LEU B 203 -53.97 -27.83 11.14
C LEU B 203 -54.29 -27.62 12.63
N ASP B 204 -55.16 -26.66 12.92
CA ASP B 204 -55.68 -26.41 14.27
C ASP B 204 -57.19 -26.59 14.20
N GLN B 205 -57.67 -27.76 14.59
CA GLN B 205 -59.09 -28.05 14.52
C GLN B 205 -59.85 -27.20 15.52
N PRO B 206 -60.78 -26.36 15.07
CA PRO B 206 -61.45 -25.40 15.98
C PRO B 206 -61.94 -26.02 17.27
N ARG B 207 -61.65 -25.36 18.39
CA ARG B 207 -61.89 -25.96 19.71
C ARG B 207 -63.32 -25.72 20.21
N ASP B 208 -64.29 -25.78 19.29
CA ASP B 208 -65.71 -25.87 19.57
C ASP B 208 -66.41 -26.73 18.52
N GLY B 209 -65.66 -27.55 17.80
CA GLY B 209 -66.18 -28.33 16.71
C GLY B 209 -65.34 -29.57 16.44
N PRO B 210 -65.73 -30.33 15.42
CA PRO B 210 -65.16 -31.66 15.22
C PRO B 210 -64.02 -31.64 14.22
N PRO B 211 -63.32 -32.77 14.04
CA PRO B 211 -62.28 -32.84 13.01
C PRO B 211 -62.86 -32.61 11.62
N LEU B 212 -61.96 -32.33 10.68
CA LEU B 212 -62.35 -32.14 9.30
C LEU B 212 -62.85 -33.46 8.71
N GLN B 213 -64.11 -33.49 8.29
CA GLN B 213 -64.59 -34.62 7.51
C GLN B 213 -64.43 -34.29 6.03
N VAL B 214 -63.74 -35.17 5.31
CA VAL B 214 -63.51 -35.03 3.88
C VAL B 214 -64.02 -36.28 3.20
N GLU B 215 -64.57 -36.11 1.99
CA GLU B 215 -64.85 -37.24 1.11
C GLU B 215 -63.92 -37.14 -0.09
N TYR B 216 -63.17 -38.21 -0.34
CA TYR B 216 -62.17 -38.23 -1.40
C TYR B 216 -62.72 -38.93 -2.64
N PHE B 217 -62.15 -38.57 -3.78
CA PHE B 217 -62.57 -39.21 -5.02
C PHE B 217 -61.34 -39.53 -5.88
N PRO B 218 -60.97 -40.82 -6.07
CA PRO B 218 -61.51 -42.09 -5.57
C PRO B 218 -61.58 -42.25 -4.05
N ALA B 219 -62.27 -43.30 -3.60
CA ALA B 219 -63.02 -43.20 -2.34
C ALA B 219 -62.09 -43.23 -1.11
N ASN B 220 -61.06 -44.08 -1.12
CA ASN B 220 -60.11 -44.01 -0.02
C ASN B 220 -59.21 -42.79 -0.15
N GLY B 221 -59.08 -42.27 -1.36
CA GLY B 221 -58.34 -41.04 -1.61
C GLY B 221 -57.00 -41.32 -2.24
N THR B 222 -56.94 -42.27 -3.16
CA THR B 222 -55.68 -42.88 -3.55
C THR B 222 -55.32 -42.59 -5.00
N TYR B 223 -54.00 -42.66 -5.27
CA TYR B 223 -53.43 -42.71 -6.61
C TYR B 223 -53.10 -44.16 -6.94
N SER B 224 -53.66 -44.67 -8.04
CA SER B 224 -53.53 -46.11 -8.30
C SER B 224 -52.14 -46.39 -8.87
N LEU B 225 -51.56 -47.52 -8.47
CA LEU B 225 -50.15 -47.80 -8.71
C LEU B 225 -49.81 -48.03 -10.18
N HIS B 226 -50.80 -48.30 -11.06
CA HIS B 226 -50.42 -48.47 -12.46
C HIS B 226 -50.06 -47.14 -13.15
N TYR B 227 -50.22 -46.01 -12.48
CA TYR B 227 -49.76 -44.73 -13.03
C TYR B 227 -48.26 -44.50 -12.82
N PHE B 228 -47.62 -45.21 -11.89
CA PHE B 228 -46.21 -45.27 -11.54
C PHE B 228 -45.56 -46.46 -12.19
N PRO B 229 -44.34 -46.35 -12.74
CA PRO B 229 -43.44 -45.21 -12.67
C PRO B 229 -43.47 -44.34 -13.91
N TYR B 230 -43.19 -43.06 -13.74
CA TYR B 230 -43.20 -42.11 -14.84
C TYR B 230 -41.91 -42.28 -15.63
N TYR B 231 -42.00 -42.43 -16.94
CA TYR B 231 -40.82 -42.60 -17.80
C TYR B 231 -40.37 -41.38 -18.54
N GLY B 232 -41.10 -40.30 -18.43
CA GLY B 232 -40.72 -39.11 -19.12
C GLY B 232 -41.55 -38.72 -20.30
N LYS B 233 -41.49 -37.45 -20.60
CA LYS B 233 -42.24 -36.78 -21.63
C LYS B 233 -42.00 -37.34 -23.01
N LYS B 234 -40.78 -37.74 -23.31
CA LYS B 234 -40.49 -38.39 -24.56
C LYS B 234 -41.05 -39.79 -24.65
N ALA B 235 -40.95 -40.49 -23.54
CA ALA B 235 -41.43 -41.84 -23.42
C ALA B 235 -42.92 -42.03 -23.45
N GLN B 236 -43.59 -41.16 -22.74
CA GLN B 236 -45.02 -41.17 -22.63
C GLN B 236 -45.46 -39.77 -22.81
N PRO B 237 -45.58 -39.34 -24.03
CA PRO B 237 -45.97 -37.99 -24.39
C PRO B 237 -47.35 -37.65 -23.94
N HIS B 238 -48.18 -38.65 -23.72
CA HIS B 238 -49.58 -38.47 -23.36
C HIS B 238 -49.88 -38.70 -21.89
N TYR B 239 -48.87 -38.75 -21.03
CA TYR B 239 -49.07 -39.08 -19.63
C TYR B 239 -49.86 -37.99 -18.93
N SER B 240 -50.60 -38.37 -17.87
CA SER B 240 -51.34 -37.40 -17.05
C SER B 240 -51.36 -37.86 -15.59
N ASN B 241 -50.90 -37.00 -14.69
CA ASN B 241 -50.81 -37.37 -13.28
C ASN B 241 -52.16 -37.82 -12.76
N PRO B 242 -52.23 -38.90 -11.99
CA PRO B 242 -53.44 -39.15 -11.20
C PRO B 242 -53.79 -37.97 -10.30
N LEU B 243 -55.05 -37.56 -10.34
CA LEU B 243 -55.62 -36.59 -9.41
C LEU B 243 -56.48 -37.26 -8.35
N VAL B 244 -56.51 -36.67 -7.17
CA VAL B 244 -57.44 -37.11 -6.13
C VAL B 244 -58.20 -35.87 -5.65
N ALA B 245 -59.52 -35.94 -5.62
CA ALA B 245 -60.28 -34.81 -5.11
C ALA B 245 -60.48 -34.95 -3.61
N ALA B 246 -60.40 -33.82 -2.91
CA ALA B 246 -60.72 -33.73 -1.48
C ALA B 246 -61.89 -32.77 -1.35
N LYS B 247 -63.08 -33.32 -1.05
CA LYS B 247 -64.26 -32.50 -0.80
C LYS B 247 -64.36 -32.24 0.70
N LEU B 248 -64.07 -30.99 1.10
CA LEU B 248 -64.12 -30.55 2.49
C LEU B 248 -65.58 -30.27 2.86
N LEU B 249 -66.07 -30.92 3.92
CA LEU B 249 -67.50 -30.91 4.21
C LEU B 249 -67.90 -29.99 5.37
N ASN B 250 -67.17 -30.00 6.47
CA ASN B 250 -67.68 -29.36 7.68
C ASN B 250 -66.82 -28.18 8.11
N VAL B 251 -66.31 -27.42 7.14
CA VAL B 251 -65.52 -26.22 7.47
C VAL B 251 -66.47 -25.14 8.01
N PRO B 252 -66.19 -24.56 9.18
CA PRO B 252 -67.09 -23.53 9.72
C PRO B 252 -67.02 -22.27 8.87
N ARG B 253 -68.19 -21.70 8.61
CA ARG B 253 -68.24 -20.51 7.77
C ARG B 253 -67.68 -19.30 8.51
N ASN B 254 -67.15 -18.35 7.75
CA ASN B 254 -66.68 -17.07 8.30
C ASN B 254 -65.64 -17.26 9.40
N ARG B 255 -64.70 -18.17 9.17
CA ARG B 255 -63.60 -18.36 10.09
C ARG B 255 -62.35 -18.71 9.29
N ASP B 256 -61.21 -18.15 9.69
CA ASP B 256 -59.92 -18.44 9.09
C ASP B 256 -59.45 -19.82 9.61
N VAL B 257 -59.18 -20.76 8.69
CA VAL B 257 -58.69 -22.09 9.07
C VAL B 257 -57.61 -22.53 8.09
N VAL B 258 -56.74 -23.44 8.51
CA VAL B 258 -55.66 -23.92 7.65
C VAL B 258 -55.74 -25.44 7.52
N ILE B 259 -55.81 -25.92 6.26
CA ILE B 259 -55.91 -27.33 5.92
C ILE B 259 -54.54 -27.83 5.47
N VAL B 260 -54.01 -28.88 6.16
CA VAL B 260 -52.84 -29.64 5.72
C VAL B 260 -53.30 -30.84 4.91
N CYS B 261 -52.56 -31.19 3.89
CA CYS B 261 -53.11 -32.15 2.94
C CYS B 261 -51.93 -33.00 2.46
N LYS B 262 -51.49 -33.95 3.29
CA LYS B 262 -50.25 -34.67 3.03
C LYS B 262 -50.51 -36.01 2.34
N ILE B 263 -49.44 -36.60 1.82
CA ILE B 263 -49.51 -37.83 1.05
C ILE B 263 -48.86 -38.95 1.86
N LEU B 264 -49.60 -40.05 2.07
CA LEU B 264 -49.11 -41.20 2.81
C LEU B 264 -48.73 -42.31 1.82
N ALA B 265 -47.42 -42.49 1.63
CA ALA B 265 -46.81 -43.55 0.84
C ALA B 265 -45.40 -43.77 1.34
N GLU B 266 -44.92 -45.01 1.23
CA GLU B 266 -43.71 -45.40 1.93
C GLU B 266 -42.53 -44.49 1.57
N HIS B 267 -42.27 -44.34 0.27
CA HIS B 267 -41.17 -43.53 -0.24
C HIS B 267 -41.53 -42.05 -0.35
N VAL B 268 -42.43 -41.55 0.48
CA VAL B 268 -42.88 -40.17 0.34
C VAL B 268 -42.83 -39.50 1.71
N SER B 269 -41.96 -38.50 1.83
CA SER B 269 -41.69 -37.74 3.04
C SER B 269 -42.29 -36.35 2.94
N PHE B 270 -42.86 -35.86 4.05
CA PHE B 270 -43.58 -34.60 4.04
C PHE B 270 -43.22 -33.70 5.21
N ASP B 271 -42.05 -33.86 5.81
CA ASP B 271 -41.61 -33.02 6.93
C ASP B 271 -40.26 -32.39 6.59
N ASN B 272 -40.28 -31.44 5.66
CA ASN B 272 -39.06 -30.76 5.20
C ASN B 272 -39.20 -29.28 5.53
N PRO B 273 -38.41 -28.75 6.47
CA PRO B 273 -38.57 -27.34 6.84
C PRO B 273 -38.19 -26.33 5.77
N HIS B 274 -37.51 -26.72 4.69
CA HIS B 274 -37.14 -25.77 3.66
C HIS B 274 -37.86 -25.99 2.34
N ASP B 275 -38.71 -27.02 2.25
CA ASP B 275 -39.72 -27.14 1.20
C ASP B 275 -41.01 -27.57 1.90
N PRO B 276 -41.94 -26.65 2.12
CA PRO B 276 -43.25 -27.03 2.65
C PRO B 276 -44.19 -27.60 1.60
N TYR B 277 -43.70 -27.90 0.41
CA TYR B 277 -44.47 -28.62 -0.60
C TYR B 277 -43.92 -30.01 -0.87
N GLU B 278 -42.90 -30.44 -0.14
CA GLU B 278 -42.42 -31.82 -0.29
C GLU B 278 -43.37 -32.71 0.48
N GLY B 279 -44.12 -33.52 -0.26
CA GLY B 279 -45.03 -34.48 0.32
C GLY B 279 -46.34 -33.93 0.84
N LYS B 280 -46.61 -32.65 0.68
CA LYS B 280 -47.90 -32.16 1.17
C LYS B 280 -48.25 -30.85 0.48
N VAL B 281 -49.31 -30.26 0.96
CA VAL B 281 -49.64 -28.89 0.66
C VAL B 281 -50.52 -28.36 1.79
N GLU B 282 -50.10 -27.26 2.41
CA GLU B 282 -50.94 -26.51 3.34
C GLU B 282 -51.60 -25.35 2.62
N PHE B 283 -52.80 -25.01 3.06
CA PHE B 283 -53.45 -23.83 2.52
C PHE B 283 -54.37 -23.22 3.55
N LYS B 284 -54.41 -21.89 3.60
CA LYS B 284 -55.41 -21.23 4.41
C LYS B 284 -56.69 -21.04 3.59
N LEU B 285 -57.81 -21.12 4.28
CA LEU B 285 -59.14 -21.16 3.68
C LEU B 285 -60.12 -20.47 4.63
N LYS B 286 -60.95 -19.61 4.05
CA LYS B 286 -62.08 -18.99 4.74
C LYS B 286 -63.23 -18.90 3.74
N ILE B 287 -64.37 -19.49 4.13
CA ILE B 287 -65.59 -19.50 3.33
C ILE B 287 -66.56 -18.55 3.99
N GLN B 288 -66.92 -17.49 3.28
CA GLN B 288 -67.72 -16.41 3.85
C GLN B 288 -69.18 -16.57 3.43
N LYS B 289 -70.08 -16.15 4.32
CA LYS B 289 -71.52 -16.19 4.06
C LYS B 289 -72.15 -14.94 4.65
#